data_2GN9
#
_entry.id   2GN9
#
_cell.length_a   112.376
_cell.length_b   112.376
_cell.length_c   107.349
_cell.angle_alpha   90.00
_cell.angle_beta   90.00
_cell.angle_gamma   120.00
#
_symmetry.space_group_name_H-M   'P 63'
#
loop_
_entity.id
_entity.type
_entity.pdbx_description
1 polymer 'UDP-GlcNAc C6 dehydratase'
2 non-polymer 'NADP NICOTINAMIDE-ADENINE-DINUCLEOTIDE PHOSPHATE'
3 non-polymer "URIDINE-5'-DIPHOSPHATE-GLUCOSE"
4 non-polymer '2-(N-MORPHOLINO)-ETHANESULFONIC ACID'
5 water water
#
_entity_poly.entity_id   1
_entity_poly.type   'polypeptide(L)'
_entity_poly.pdbx_seq_one_letter_code
;MHHHHHHGSMSMPNHQNMLDNQTILITGGTGSFGKCFVRKVLDTTNAKKIIVYSRDELKQSEMAMEFNDPRMRFFIGDVR
DLERLNYALEGVDICIHAAALKHVPIAEYNPLECIKTNIMGASNVINACLKNAISQVIALSTDKAANPINLYGATKLCSD
KLFVSANNFKGSSQTQFSVVRYGNVVGSRGSVVPFFKKLVQNKASEIPITDIRMTRFWITLDEGVSFVLKSLKRMHGGEI
FVPKIPSMKMTDLAKALAPNTPTKIIGIRPGEKLHEVMIPKDESHLALEFEDFFIIQPTISFQTPKDYTLTKLHEKGQKV
APDFEYSSHNNNQWLEPDDLLKLL
;
_entity_poly.pdbx_strand_id   A,B
#
loop_
_chem_comp.id
_chem_comp.type
_chem_comp.name
_chem_comp.formula
MES non-polymer '2-(N-MORPHOLINO)-ETHANESULFONIC ACID' 'C6 H13 N O4 S'
NAP non-polymer 'NADP NICOTINAMIDE-ADENINE-DINUCLEOTIDE PHOSPHATE' 'C21 H28 N7 O17 P3'
UPG non-polymer URIDINE-5'-DIPHOSPHATE-GLUCOSE 'C15 H24 N2 O17 P2'
#
# COMPACT_ATOMS: atom_id res chain seq x y z
N GLN A 16 -36.84 -3.16 -10.63
CA GLN A 16 -36.30 -1.76 -10.71
C GLN A 16 -35.51 -1.42 -9.46
N ASN A 17 -35.27 -2.44 -8.62
CA ASN A 17 -34.50 -2.24 -7.39
C ASN A 17 -33.18 -1.56 -7.71
N MET A 18 -32.81 -0.55 -6.92
CA MET A 18 -31.56 0.18 -7.15
C MET A 18 -30.92 0.74 -5.88
N LEU A 19 -29.76 1.36 -6.04
CA LEU A 19 -29.02 1.99 -4.95
C LEU A 19 -29.15 3.48 -5.21
N ASP A 20 -30.35 3.87 -5.63
CA ASP A 20 -30.68 5.25 -5.97
C ASP A 20 -30.14 6.29 -5.02
N ASN A 21 -29.52 7.31 -5.60
CA ASN A 21 -29.00 8.43 -4.85
C ASN A 21 -28.43 8.04 -3.48
N GLN A 22 -27.47 7.13 -3.47
CA GLN A 22 -26.87 6.71 -2.21
C GLN A 22 -25.35 6.79 -2.16
N THR A 23 -24.83 7.07 -0.97
CA THR A 23 -23.40 7.18 -0.71
C THR A 23 -22.89 5.81 -0.29
N ILE A 24 -21.92 5.28 -1.04
CA ILE A 24 -21.36 3.96 -0.76
C ILE A 24 -19.86 4.08 -0.48
N LEU A 25 -19.39 3.35 0.53
CA LEU A 25 -17.97 3.38 0.89
C LEU A 25 -17.46 1.95 0.93
N ILE A 26 -16.38 1.69 0.20
CA ILE A 26 -15.82 0.36 0.16
C ILE A 26 -14.38 0.38 0.68
N THR A 27 -14.09 -0.42 1.71
CA THR A 27 -12.76 -0.44 2.29
C THR A 27 -11.82 -1.27 1.44
N GLY A 28 -10.67 -0.68 1.12
CA GLY A 28 -9.72 -1.38 0.28
C GLY A 28 -10.29 -1.54 -1.11
N GLY A 29 -10.91 -0.50 -1.63
CA GLY A 29 -11.51 -0.59 -2.95
C GLY A 29 -10.50 -0.11 -3.98
N THR A 30 -9.23 -0.21 -3.60
CA THR A 30 -8.14 0.24 -4.45
C THR A 30 -7.49 -0.99 -5.07
N GLY A 31 -8.03 -2.16 -4.73
CA GLY A 31 -7.49 -3.40 -5.26
C GLY A 31 -8.40 -4.12 -6.25
N SER A 32 -8.16 -5.42 -6.42
CA SER A 32 -8.92 -6.27 -7.32
C SER A 32 -10.43 -6.03 -7.27
N PHE A 33 -11.08 -6.62 -6.27
CA PHE A 33 -12.52 -6.51 -6.09
C PHE A 33 -13.01 -5.06 -6.12
N GLY A 34 -12.35 -4.21 -5.35
CA GLY A 34 -12.73 -2.81 -5.27
C GLY A 34 -12.87 -2.10 -6.59
N LYS A 35 -11.79 -2.06 -7.37
CA LYS A 35 -11.81 -1.38 -8.65
C LYS A 35 -12.95 -1.87 -9.53
N CYS A 36 -13.21 -3.18 -9.52
CA CYS A 36 -14.27 -3.73 -10.34
C CYS A 36 -15.64 -3.35 -9.81
N PHE A 37 -15.81 -3.44 -8.49
CA PHE A 37 -17.08 -3.09 -7.87
C PHE A 37 -17.34 -1.59 -8.09
N VAL A 38 -16.30 -0.78 -7.93
CA VAL A 38 -16.46 0.66 -8.12
C VAL A 38 -16.89 0.98 -9.55
N ARG A 39 -16.37 0.19 -10.49
CA ARG A 39 -16.70 0.35 -11.90
C ARG A 39 -18.13 -0.12 -12.14
N LYS A 40 -18.44 -1.35 -11.72
CA LYS A 40 -19.76 -1.93 -11.87
C LYS A 40 -20.91 -1.10 -11.31
N VAL A 41 -20.69 -0.47 -10.15
CA VAL A 41 -21.72 0.34 -9.50
C VAL A 41 -21.95 1.67 -10.22
N LEU A 42 -20.88 2.32 -10.67
CA LEU A 42 -20.99 3.58 -11.39
C LEU A 42 -21.73 3.34 -12.71
N ASP A 43 -21.36 2.25 -13.37
CA ASP A 43 -21.95 1.88 -14.65
C ASP A 43 -23.41 1.46 -14.62
N THR A 44 -23.76 0.60 -13.67
CA THR A 44 -25.12 0.10 -13.60
C THR A 44 -26.10 0.69 -12.58
N THR A 45 -25.64 1.61 -11.73
CA THR A 45 -26.53 2.20 -10.73
C THR A 45 -26.28 3.69 -10.58
N ASN A 46 -27.25 4.40 -10.03
CA ASN A 46 -27.12 5.83 -9.84
C ASN A 46 -27.04 6.15 -8.36
N ALA A 47 -25.87 5.95 -7.79
CA ALA A 47 -25.64 6.20 -6.38
C ALA A 47 -24.99 7.58 -6.21
N LYS A 48 -25.53 8.37 -5.30
CA LYS A 48 -25.03 9.71 -5.03
C LYS A 48 -23.51 9.78 -5.20
N LYS A 49 -22.78 9.05 -4.37
CA LYS A 49 -21.32 9.04 -4.44
C LYS A 49 -20.71 7.73 -3.98
N ILE A 50 -19.42 7.57 -4.22
CA ILE A 50 -18.70 6.38 -3.83
C ILE A 50 -17.36 6.76 -3.23
N ILE A 51 -17.16 6.30 -1.99
CA ILE A 51 -15.94 6.57 -1.24
C ILE A 51 -14.98 5.40 -1.24
N VAL A 52 -13.74 5.66 -1.65
CA VAL A 52 -12.71 4.64 -1.64
C VAL A 52 -11.88 4.92 -0.40
N TYR A 53 -11.81 3.90 0.48
CA TYR A 53 -11.10 4.00 1.74
C TYR A 53 -9.92 3.03 1.72
N SER A 54 -8.71 3.56 1.64
CA SER A 54 -7.52 2.72 1.63
C SER A 54 -6.30 3.51 2.10
N ARG A 55 -5.21 2.81 2.36
CA ARG A 55 -3.99 3.43 2.87
C ARG A 55 -3.01 4.05 1.87
N ASP A 56 -2.77 3.37 0.75
CA ASP A 56 -1.82 3.80 -0.27
C ASP A 56 -2.17 5.01 -1.13
N GLU A 57 -1.32 6.03 -1.09
CA GLU A 57 -1.53 7.25 -1.88
C GLU A 57 -1.30 7.01 -3.38
N LEU A 58 -0.29 6.21 -3.73
CA LEU A 58 -0.03 5.92 -5.14
C LEU A 58 -1.25 5.30 -5.83
N LYS A 59 -1.73 4.17 -5.31
CA LYS A 59 -2.90 3.51 -5.89
C LYS A 59 -4.12 4.41 -5.90
N GLN A 60 -4.27 5.21 -4.85
CA GLN A 60 -5.42 6.10 -4.80
C GLN A 60 -5.32 7.17 -5.88
N SER A 61 -4.12 7.68 -6.12
CA SER A 61 -3.95 8.71 -7.14
C SER A 61 -4.08 8.06 -8.52
N GLU A 62 -3.48 6.89 -8.68
CA GLU A 62 -3.57 6.18 -9.95
C GLU A 62 -4.93 5.54 -10.13
N MET A 63 -5.90 5.99 -9.34
CA MET A 63 -7.25 5.47 -9.46
C MET A 63 -8.19 6.62 -9.76
N ALA A 64 -7.88 7.77 -9.16
CA ALA A 64 -8.70 8.94 -9.38
C ALA A 64 -8.54 9.35 -10.85
N MET A 65 -7.35 9.10 -11.41
CA MET A 65 -7.06 9.41 -12.81
C MET A 65 -7.76 8.32 -13.63
N GLU A 66 -7.38 7.09 -13.33
CA GLU A 66 -7.92 5.91 -13.97
C GLU A 66 -9.44 6.01 -14.14
N PHE A 67 -10.13 6.62 -13.17
CA PHE A 67 -11.58 6.76 -13.26
C PHE A 67 -12.06 8.16 -13.59
N ASN A 68 -11.39 9.16 -13.02
CA ASN A 68 -11.73 10.55 -13.29
C ASN A 68 -13.24 10.79 -13.27
N ASP A 69 -13.93 10.20 -12.30
CA ASP A 69 -15.39 10.35 -12.17
C ASP A 69 -15.76 11.20 -10.96
N PRO A 70 -16.59 12.24 -11.15
CA PRO A 70 -17.07 13.16 -10.12
C PRO A 70 -17.80 12.52 -8.94
N ARG A 71 -18.36 11.34 -9.16
CA ARG A 71 -19.08 10.65 -8.10
C ARG A 71 -18.15 9.80 -7.25
N MET A 72 -16.86 10.10 -7.32
CA MET A 72 -15.87 9.36 -6.55
C MET A 72 -15.28 10.27 -5.50
N ARG A 73 -14.79 9.67 -4.41
CA ARG A 73 -14.15 10.38 -3.32
C ARG A 73 -13.10 9.43 -2.79
N PHE A 74 -11.93 9.94 -2.44
CA PHE A 74 -10.90 9.07 -1.94
C PHE A 74 -10.40 9.51 -0.59
N PHE A 75 -10.41 8.57 0.36
CA PHE A 75 -9.95 8.81 1.71
C PHE A 75 -8.76 7.92 2.07
N ILE A 76 -7.67 8.54 2.50
CA ILE A 76 -6.51 7.79 2.93
C ILE A 76 -6.90 7.28 4.32
N GLY A 77 -6.55 6.04 4.64
CA GLY A 77 -6.92 5.50 5.94
C GLY A 77 -6.75 4.00 6.15
N ASP A 78 -6.52 3.64 7.40
CA ASP A 78 -6.31 2.25 7.77
C ASP A 78 -7.54 1.73 8.54
N VAL A 79 -8.00 0.52 8.24
CA VAL A 79 -9.16 -0.04 8.95
C VAL A 79 -8.84 -0.26 10.40
N ARG A 80 -7.54 -0.25 10.71
CA ARG A 80 -7.05 -0.40 12.07
C ARG A 80 -7.28 0.89 12.85
N ASP A 81 -7.70 1.95 12.14
CA ASP A 81 -7.93 3.27 12.74
C ASP A 81 -9.41 3.57 12.96
N LEU A 82 -9.86 3.50 14.22
CA LEU A 82 -11.26 3.74 14.55
C LEU A 82 -11.77 5.18 14.50
N GLU A 83 -10.94 6.16 14.87
CA GLU A 83 -11.41 7.55 14.82
C GLU A 83 -11.57 7.94 13.36
N ARG A 84 -10.65 7.47 12.51
CA ARG A 84 -10.70 7.77 11.07
C ARG A 84 -11.90 7.09 10.42
N LEU A 85 -12.08 5.80 10.68
CA LEU A 85 -13.22 5.08 10.11
C LEU A 85 -14.51 5.79 10.50
N ASN A 86 -14.53 6.35 11.70
CA ASN A 86 -15.69 7.06 12.23
C ASN A 86 -16.03 8.26 11.39
N TYR A 87 -15.02 8.97 10.91
CA TYR A 87 -15.25 10.14 10.06
C TYR A 87 -15.50 9.67 8.63
N ALA A 88 -14.84 8.60 8.25
CA ALA A 88 -15.01 8.04 6.93
C ALA A 88 -16.47 7.74 6.64
N LEU A 89 -17.01 6.78 7.38
CA LEU A 89 -18.38 6.32 7.21
C LEU A 89 -19.46 7.36 7.49
N GLU A 90 -19.08 8.50 8.04
CA GLU A 90 -20.04 9.53 8.31
C GLU A 90 -20.78 9.92 7.04
N GLY A 91 -22.09 9.70 7.02
CA GLY A 91 -22.89 10.04 5.87
C GLY A 91 -23.04 8.92 4.85
N VAL A 92 -22.64 7.71 5.22
CA VAL A 92 -22.73 6.57 4.32
C VAL A 92 -23.97 5.70 4.59
N ASP A 93 -24.53 5.13 3.53
CA ASP A 93 -25.72 4.28 3.65
C ASP A 93 -25.33 2.80 3.58
N ILE A 94 -24.43 2.47 2.66
CA ILE A 94 -23.98 1.11 2.48
C ILE A 94 -22.47 1.01 2.55
N CYS A 95 -21.97 -0.01 3.24
CA CYS A 95 -20.53 -0.19 3.36
C CYS A 95 -20.07 -1.56 2.88
N ILE A 96 -19.03 -1.57 2.04
CA ILE A 96 -18.51 -2.83 1.55
C ILE A 96 -17.12 -2.99 2.16
N HIS A 97 -16.95 -4.01 3.00
CA HIS A 97 -15.66 -4.25 3.63
C HIS A 97 -14.84 -5.26 2.82
N ALA A 98 -13.91 -4.73 2.02
CA ALA A 98 -13.06 -5.56 1.18
C ALA A 98 -11.60 -5.41 1.54
N ALA A 99 -11.31 -4.62 2.57
CA ALA A 99 -9.94 -4.39 3.01
C ALA A 99 -9.41 -5.62 3.72
N ALA A 100 -8.18 -6.01 3.45
CA ALA A 100 -7.63 -7.19 4.10
C ALA A 100 -6.25 -7.64 3.63
N LEU A 101 -5.63 -8.48 4.46
CA LEU A 101 -4.33 -9.08 4.15
C LEU A 101 -4.73 -10.52 3.80
N LYS A 102 -4.49 -10.92 2.56
CA LYS A 102 -4.90 -12.23 2.09
C LYS A 102 -3.76 -13.15 1.65
N HIS A 103 -2.54 -12.63 1.64
CA HIS A 103 -1.40 -13.44 1.21
C HIS A 103 -1.05 -14.49 2.26
N VAL A 104 -1.77 -15.61 2.20
CA VAL A 104 -1.61 -16.74 3.12
C VAL A 104 -0.24 -17.00 3.72
N PRO A 105 0.76 -17.34 2.88
CA PRO A 105 2.08 -17.58 3.48
C PRO A 105 2.68 -16.39 4.21
N ILE A 106 2.42 -15.17 3.74
CA ILE A 106 2.94 -13.98 4.40
C ILE A 106 2.22 -13.80 5.75
N ALA A 107 0.93 -14.14 5.76
CA ALA A 107 0.12 -14.05 6.96
C ALA A 107 0.68 -15.03 7.98
N GLU A 108 1.26 -16.11 7.50
CA GLU A 108 1.85 -17.14 8.36
C GLU A 108 3.08 -16.60 9.08
N TYR A 109 3.84 -15.74 8.40
CA TYR A 109 5.06 -15.14 8.94
C TYR A 109 4.80 -13.86 9.72
N ASN A 110 3.72 -13.18 9.40
CA ASN A 110 3.33 -11.94 10.06
C ASN A 110 1.92 -12.12 10.58
N PRO A 111 1.73 -12.99 11.59
CA PRO A 111 0.39 -13.23 12.15
C PRO A 111 -0.29 -12.07 12.87
N LEU A 112 0.44 -11.23 13.59
CA LEU A 112 -0.27 -10.14 14.26
C LEU A 112 -0.71 -9.09 13.23
N GLU A 113 0.08 -8.92 12.17
CA GLU A 113 -0.29 -7.97 11.15
C GLU A 113 -1.66 -8.34 10.60
N CYS A 114 -1.75 -9.58 10.13
CA CYS A 114 -2.98 -10.12 9.55
C CYS A 114 -4.12 -9.99 10.55
N ILE A 115 -3.81 -10.24 11.82
CA ILE A 115 -4.80 -10.14 12.91
C ILE A 115 -5.26 -8.70 13.13
N LYS A 116 -4.31 -7.78 13.23
CA LYS A 116 -4.64 -6.37 13.43
C LYS A 116 -5.55 -5.83 12.32
N THR A 117 -5.24 -6.21 11.08
CA THR A 117 -6.02 -5.73 9.94
C THR A 117 -7.34 -6.47 9.73
N ASN A 118 -7.29 -7.80 9.69
CA ASN A 118 -8.51 -8.57 9.45
C ASN A 118 -9.46 -8.72 10.64
N ILE A 119 -8.93 -8.94 11.84
CA ILE A 119 -9.83 -9.07 12.98
C ILE A 119 -10.18 -7.72 13.57
N MET A 120 -9.20 -6.99 14.07
CA MET A 120 -9.51 -5.68 14.64
C MET A 120 -10.12 -4.80 13.55
N GLY A 121 -9.60 -4.92 12.33
CA GLY A 121 -10.12 -4.15 11.21
C GLY A 121 -11.63 -4.30 11.00
N ALA A 122 -12.12 -5.54 11.05
CA ALA A 122 -13.55 -5.81 10.88
C ALA A 122 -14.34 -5.22 12.04
N SER A 123 -13.76 -5.30 13.24
CA SER A 123 -14.41 -4.77 14.43
C SER A 123 -14.63 -3.26 14.30
N ASN A 124 -13.59 -2.53 13.90
CA ASN A 124 -13.68 -1.07 13.75
C ASN A 124 -14.69 -0.66 12.67
N VAL A 125 -14.65 -1.31 11.52
CA VAL A 125 -15.59 -1.00 10.45
C VAL A 125 -17.01 -1.15 10.98
N ILE A 126 -17.21 -2.12 11.88
CA ILE A 126 -18.54 -2.36 12.46
C ILE A 126 -18.85 -1.23 13.45
N ASN A 127 -17.98 -1.06 14.42
CA ASN A 127 -18.12 -0.03 15.43
C ASN A 127 -18.50 1.28 14.76
N ALA A 128 -17.78 1.59 13.68
CA ALA A 128 -18.03 2.83 12.94
C ALA A 128 -19.36 2.81 12.19
N CYS A 129 -19.66 1.72 11.49
CA CYS A 129 -20.90 1.64 10.73
C CYS A 129 -22.11 1.88 11.60
N LEU A 130 -22.14 1.26 12.78
CA LEU A 130 -23.24 1.44 13.70
C LEU A 130 -23.31 2.89 14.19
N LYS A 131 -22.16 3.46 14.53
CA LYS A 131 -22.12 4.84 15.00
C LYS A 131 -22.77 5.80 14.02
N ASN A 132 -22.59 5.55 12.73
CA ASN A 132 -23.14 6.40 11.67
C ASN A 132 -24.46 5.89 11.09
N ALA A 133 -25.04 4.90 11.74
CA ALA A 133 -26.32 4.37 11.29
C ALA A 133 -26.37 3.96 9.82
N ILE A 134 -25.33 3.25 9.37
CA ILE A 134 -25.28 2.77 8.00
C ILE A 134 -26.44 1.77 7.86
N SER A 135 -27.03 1.68 6.68
CA SER A 135 -28.15 0.77 6.47
C SER A 135 -27.77 -0.70 6.30
N GLN A 136 -26.97 -0.99 5.28
CA GLN A 136 -26.54 -2.36 5.02
C GLN A 136 -25.04 -2.46 4.86
N VAL A 137 -24.48 -3.54 5.40
CA VAL A 137 -23.05 -3.76 5.34
C VAL A 137 -22.78 -5.18 4.89
N ILE A 138 -21.93 -5.33 3.87
CA ILE A 138 -21.57 -6.65 3.39
C ILE A 138 -20.06 -6.80 3.53
N ALA A 139 -19.65 -7.85 4.24
CA ALA A 139 -18.24 -8.12 4.46
C ALA A 139 -17.81 -9.27 3.57
N LEU A 140 -16.60 -9.20 3.05
CA LEU A 140 -16.08 -10.24 2.18
C LEU A 140 -15.26 -11.25 2.94
N SER A 141 -15.65 -12.51 2.82
CA SER A 141 -14.96 -13.61 3.47
C SER A 141 -14.27 -14.44 2.38
N THR A 142 -13.73 -15.60 2.75
CA THR A 142 -13.06 -16.48 1.79
C THR A 142 -13.43 -17.91 2.07
N ASP A 143 -13.19 -18.79 1.11
CA ASP A 143 -13.51 -20.19 1.28
C ASP A 143 -12.59 -20.73 2.38
N LYS A 144 -11.45 -20.06 2.53
CA LYS A 144 -10.46 -20.46 3.51
C LYS A 144 -10.90 -20.28 4.95
N ALA A 145 -12.00 -19.55 5.15
CA ALA A 145 -12.50 -19.32 6.50
C ALA A 145 -13.39 -20.47 6.93
N ALA A 146 -13.51 -21.48 6.06
CA ALA A 146 -14.33 -22.67 6.34
C ALA A 146 -13.41 -23.77 6.84
N ASN A 147 -13.61 -24.23 8.08
CA ASN A 147 -12.74 -25.26 8.65
C ASN A 147 -11.30 -24.89 8.28
N PRO A 148 -10.87 -23.68 8.67
CA PRO A 148 -9.53 -23.18 8.39
C PRO A 148 -8.39 -23.94 9.05
N ILE A 149 -7.17 -23.62 8.61
CA ILE A 149 -5.96 -24.23 9.16
C ILE A 149 -4.83 -23.21 9.06
N ASN A 150 -5.01 -22.22 8.20
CA ASN A 150 -3.99 -21.17 8.05
C ASN A 150 -4.47 -19.96 8.83
N LEU A 151 -3.54 -19.13 9.29
CA LEU A 151 -3.88 -17.94 10.06
C LEU A 151 -4.85 -17.03 9.34
N TYR A 152 -4.51 -16.67 8.11
CA TYR A 152 -5.34 -15.82 7.29
C TYR A 152 -6.81 -16.24 7.39
N GLY A 153 -7.10 -17.47 7.00
CA GLY A 153 -8.46 -17.94 7.06
C GLY A 153 -9.08 -17.90 8.45
N ALA A 154 -8.26 -18.10 9.47
CA ALA A 154 -8.74 -18.09 10.85
C ALA A 154 -9.15 -16.70 11.30
N THR A 155 -8.48 -15.67 10.77
CA THR A 155 -8.83 -14.30 11.10
C THR A 155 -10.14 -13.99 10.39
N LYS A 156 -10.28 -14.54 9.18
CA LYS A 156 -11.50 -14.33 8.39
C LYS A 156 -12.70 -15.02 9.00
N LEU A 157 -12.50 -16.18 9.62
CA LEU A 157 -13.62 -16.85 10.27
C LEU A 157 -14.05 -15.91 11.43
N CYS A 158 -13.08 -15.48 12.24
CA CYS A 158 -13.36 -14.54 13.34
C CYS A 158 -14.14 -13.37 12.78
N SER A 159 -13.59 -12.79 11.71
CA SER A 159 -14.18 -11.64 11.02
C SER A 159 -15.67 -11.85 10.75
N ASP A 160 -16.00 -12.93 10.05
CA ASP A 160 -17.39 -13.24 9.72
C ASP A 160 -18.25 -13.28 10.97
N LYS A 161 -17.76 -13.97 11.99
CA LYS A 161 -18.47 -14.10 13.26
C LYS A 161 -18.83 -12.73 13.81
N LEU A 162 -17.88 -11.83 13.76
CA LEU A 162 -18.09 -10.47 14.23
C LEU A 162 -19.21 -9.77 13.47
N PHE A 163 -19.14 -9.77 12.14
CA PHE A 163 -20.18 -9.11 11.35
C PHE A 163 -21.56 -9.70 11.55
N VAL A 164 -21.64 -11.00 11.79
CA VAL A 164 -22.92 -11.64 11.98
C VAL A 164 -23.40 -11.30 13.38
N SER A 165 -22.50 -11.38 14.35
CA SER A 165 -22.87 -11.07 15.72
C SER A 165 -23.32 -9.61 15.81
N ALA A 166 -22.77 -8.78 14.92
CA ALA A 166 -23.09 -7.36 14.90
C ALA A 166 -24.57 -7.07 14.68
N ASN A 167 -25.33 -8.08 14.28
CA ASN A 167 -26.77 -7.92 14.03
C ASN A 167 -27.66 -7.92 15.28
N ASN A 168 -27.07 -8.17 16.45
CA ASN A 168 -27.83 -8.18 17.70
C ASN A 168 -28.10 -6.75 18.16
N PHE A 169 -27.04 -5.95 18.20
CA PHE A 169 -27.10 -4.54 18.60
C PHE A 169 -28.44 -3.95 18.17
N LYS A 170 -29.16 -3.35 19.12
CA LYS A 170 -30.45 -2.77 18.79
C LYS A 170 -30.67 -1.31 19.20
N GLY A 171 -30.36 -0.42 18.27
CA GLY A 171 -30.55 1.00 18.47
C GLY A 171 -31.38 1.42 17.27
N SER A 172 -31.96 2.62 17.30
CA SER A 172 -32.77 3.08 16.18
C SER A 172 -31.97 3.18 14.89
N SER A 173 -30.85 2.46 14.84
CA SER A 173 -29.97 2.45 13.67
C SER A 173 -30.37 1.27 12.76
N GLN A 174 -30.54 0.10 13.38
CA GLN A 174 -30.95 -1.11 12.68
C GLN A 174 -30.09 -1.47 11.47
N THR A 175 -28.79 -1.40 11.61
CA THR A 175 -27.89 -1.74 10.52
C THR A 175 -27.94 -3.23 10.25
N GLN A 176 -27.80 -3.62 9.00
CA GLN A 176 -27.81 -5.04 8.64
C GLN A 176 -26.42 -5.43 8.19
N PHE A 177 -25.92 -6.54 8.73
CA PHE A 177 -24.58 -7.02 8.38
C PHE A 177 -24.62 -8.43 7.78
N SER A 178 -24.08 -8.57 6.57
CA SER A 178 -24.05 -9.86 5.90
C SER A 178 -22.65 -10.15 5.37
N VAL A 179 -22.42 -11.40 4.99
CA VAL A 179 -21.13 -11.82 4.49
C VAL A 179 -21.24 -12.58 3.17
N VAL A 180 -20.32 -12.29 2.25
CA VAL A 180 -20.26 -12.98 0.96
C VAL A 180 -18.93 -13.74 0.90
N ARG A 181 -19.03 -15.07 0.95
CA ARG A 181 -17.84 -15.93 0.93
C ARG A 181 -17.72 -16.77 -0.33
N TYR A 182 -16.64 -16.57 -1.07
CA TYR A 182 -16.41 -17.35 -2.27
C TYR A 182 -14.92 -17.61 -2.47
N GLY A 183 -14.59 -18.42 -3.47
CA GLY A 183 -13.20 -18.77 -3.71
C GLY A 183 -12.31 -17.89 -4.59
N ASN A 184 -11.24 -18.52 -5.09
CA ASN A 184 -10.25 -17.88 -5.93
C ASN A 184 -10.89 -17.10 -7.07
N VAL A 185 -10.25 -15.99 -7.44
CA VAL A 185 -10.72 -15.15 -8.53
C VAL A 185 -9.78 -15.32 -9.72
N VAL A 186 -10.30 -15.97 -10.77
CA VAL A 186 -9.53 -16.24 -11.99
C VAL A 186 -8.52 -15.15 -12.36
N GLY A 187 -7.29 -15.32 -11.88
CA GLY A 187 -6.24 -14.35 -12.16
C GLY A 187 -6.52 -12.99 -11.53
N SER A 188 -6.42 -12.91 -10.20
CA SER A 188 -6.65 -11.67 -9.48
C SER A 188 -5.32 -10.99 -9.15
N ARG A 189 -5.38 -9.78 -8.58
CA ARG A 189 -4.17 -9.03 -8.23
C ARG A 189 -3.04 -9.94 -7.79
N GLY A 190 -2.11 -10.22 -8.70
CA GLY A 190 -0.99 -11.09 -8.39
C GLY A 190 -1.40 -12.35 -7.67
N SER A 191 -1.68 -13.41 -8.41
CA SER A 191 -2.09 -14.67 -7.81
C SER A 191 -1.26 -15.83 -8.36
N VAL A 192 -1.75 -16.49 -9.39
CA VAL A 192 -1.06 -17.61 -10.02
C VAL A 192 -1.43 -17.69 -11.49
N VAL A 193 -2.70 -17.45 -11.80
CA VAL A 193 -3.14 -17.50 -13.18
C VAL A 193 -2.22 -16.58 -14.00
N PRO A 194 -2.06 -15.32 -13.56
CA PRO A 194 -1.19 -14.39 -14.28
C PRO A 194 0.28 -14.77 -14.08
N PHE A 195 0.57 -15.33 -12.90
CA PHE A 195 1.92 -15.74 -12.58
C PHE A 195 2.21 -17.08 -13.27
N PHE A 196 1.28 -17.49 -14.12
CA PHE A 196 1.43 -18.73 -14.88
C PHE A 196 1.65 -18.28 -16.32
N LYS A 197 1.08 -17.12 -16.65
CA LYS A 197 1.26 -16.55 -17.97
C LYS A 197 2.65 -15.93 -17.87
N LYS A 198 2.73 -14.92 -17.01
CA LYS A 198 3.96 -14.18 -16.75
C LYS A 198 5.21 -15.03 -16.89
N LEU A 199 5.12 -16.31 -16.55
CA LEU A 199 6.27 -17.20 -16.67
C LEU A 199 6.35 -17.75 -18.10
N VAL A 200 5.28 -18.38 -18.57
CA VAL A 200 5.25 -18.92 -19.93
C VAL A 200 5.18 -17.71 -20.87
N GLN A 201 5.30 -16.54 -20.26
CA GLN A 201 5.26 -15.27 -20.97
C GLN A 201 6.63 -14.64 -20.85
N ASN A 202 7.65 -15.49 -20.75
CA ASN A 202 9.03 -15.03 -20.64
C ASN A 202 10.03 -16.15 -20.89
N LYS A 203 9.97 -17.22 -20.11
CA LYS A 203 10.90 -18.32 -20.26
C LYS A 203 10.25 -19.66 -19.88
N ALA A 204 9.16 -19.97 -20.55
CA ALA A 204 8.41 -21.20 -20.30
C ALA A 204 9.27 -22.47 -20.24
N SER A 205 9.64 -22.87 -19.02
CA SER A 205 10.45 -24.06 -18.81
C SER A 205 10.41 -24.54 -17.35
N GLU A 206 9.64 -23.86 -16.51
CA GLU A 206 9.50 -24.21 -15.10
C GLU A 206 8.21 -23.66 -14.49
N ILE A 207 7.26 -24.54 -14.18
CA ILE A 207 5.98 -24.14 -13.59
C ILE A 207 5.74 -24.77 -12.22
N PRO A 208 5.54 -23.92 -11.19
CA PRO A 208 5.30 -24.36 -9.82
C PRO A 208 4.05 -25.22 -9.63
N ILE A 209 4.16 -26.25 -8.79
CA ILE A 209 3.05 -27.15 -8.48
C ILE A 209 3.19 -27.63 -7.03
N THR A 210 2.08 -28.12 -6.46
CA THR A 210 2.08 -28.60 -5.09
C THR A 210 1.58 -30.04 -4.96
N ASP A 211 0.45 -30.34 -5.59
CA ASP A 211 -0.13 -31.69 -5.55
C ASP A 211 -0.84 -32.02 -6.86
N ILE A 212 -1.27 -33.26 -6.99
CA ILE A 212 -1.96 -33.70 -8.21
C ILE A 212 -3.45 -33.83 -7.92
N ARG A 213 -3.81 -33.63 -6.67
CA ARG A 213 -5.21 -33.69 -6.24
C ARG A 213 -5.67 -32.29 -5.87
N MET A 214 -4.70 -31.37 -5.82
CA MET A 214 -4.95 -29.98 -5.47
C MET A 214 -6.06 -29.32 -6.27
N THR A 215 -7.21 -29.09 -5.63
CA THR A 215 -8.35 -28.44 -6.29
C THR A 215 -8.71 -27.10 -5.65
N ARG A 216 -9.48 -26.29 -6.37
CA ARG A 216 -9.89 -24.97 -5.91
C ARG A 216 -11.14 -24.49 -6.63
N PHE A 217 -12.00 -23.76 -5.92
CA PHE A 217 -13.20 -23.20 -6.55
C PHE A 217 -12.71 -21.99 -7.33
N TRP A 218 -13.34 -21.72 -8.47
CA TRP A 218 -12.95 -20.57 -9.28
C TRP A 218 -14.14 -19.78 -9.79
N ILE A 219 -14.20 -18.52 -9.35
CA ILE A 219 -15.25 -17.60 -9.74
C ILE A 219 -14.56 -16.48 -10.50
N THR A 220 -15.31 -15.71 -11.26
CA THR A 220 -14.72 -14.61 -12.01
C THR A 220 -14.74 -13.29 -11.22
N LEU A 221 -13.70 -12.49 -11.42
CA LEU A 221 -13.59 -11.20 -10.74
C LEU A 221 -14.82 -10.36 -11.02
N ASP A 222 -15.73 -10.89 -11.82
CA ASP A 222 -16.95 -10.19 -12.17
C ASP A 222 -18.18 -10.95 -11.69
N GLU A 223 -18.09 -12.27 -11.68
CA GLU A 223 -19.20 -13.09 -11.23
C GLU A 223 -19.43 -12.79 -9.75
N GLY A 224 -18.32 -12.53 -9.05
CA GLY A 224 -18.39 -12.23 -7.63
C GLY A 224 -18.94 -10.84 -7.39
N VAL A 225 -18.32 -9.86 -8.02
CA VAL A 225 -18.74 -8.46 -7.88
C VAL A 225 -20.25 -8.33 -7.99
N SER A 226 -20.82 -8.94 -9.01
CA SER A 226 -22.27 -8.87 -9.22
C SER A 226 -23.00 -9.63 -8.12
N PHE A 227 -22.37 -10.71 -7.65
CA PHE A 227 -22.93 -11.54 -6.61
C PHE A 227 -23.10 -10.70 -5.33
N VAL A 228 -22.18 -9.77 -5.11
CA VAL A 228 -22.25 -8.90 -3.95
C VAL A 228 -23.44 -7.97 -4.13
N LEU A 229 -23.46 -7.23 -5.24
CA LEU A 229 -24.55 -6.31 -5.52
C LEU A 229 -25.88 -7.03 -5.36
N LYS A 230 -25.89 -8.30 -5.76
CA LYS A 230 -27.10 -9.10 -5.69
C LYS A 230 -27.42 -9.48 -4.24
N SER A 231 -26.41 -9.95 -3.52
CA SER A 231 -26.58 -10.33 -2.12
C SER A 231 -27.03 -9.10 -1.34
N LEU A 232 -26.60 -7.94 -1.82
CA LEU A 232 -26.93 -6.66 -1.21
C LEU A 232 -28.42 -6.36 -1.38
N LYS A 233 -29.00 -6.83 -2.48
CA LYS A 233 -30.41 -6.60 -2.78
C LYS A 233 -31.38 -7.60 -2.15
N ARG A 234 -30.88 -8.76 -1.74
CA ARG A 234 -31.76 -9.75 -1.14
C ARG A 234 -31.44 -10.15 0.30
N MET A 235 -30.75 -9.28 1.02
CA MET A 235 -30.37 -9.58 2.39
C MET A 235 -31.33 -9.08 3.46
N HIS A 236 -31.32 -9.76 4.60
CA HIS A 236 -32.13 -9.44 5.77
C HIS A 236 -31.16 -8.97 6.84
N GLY A 237 -30.01 -9.64 6.85
CA GLY A 237 -28.98 -9.32 7.82
C GLY A 237 -28.58 -10.58 8.55
N GLY A 238 -27.28 -10.76 8.78
CA GLY A 238 -26.81 -11.93 9.48
C GLY A 238 -26.50 -13.11 8.60
N GLU A 239 -26.76 -13.00 7.30
CA GLU A 239 -26.48 -14.12 6.39
C GLU A 239 -25.03 -14.22 5.95
N ILE A 240 -24.70 -15.37 5.40
CA ILE A 240 -23.38 -15.64 4.84
C ILE A 240 -23.73 -16.23 3.47
N PHE A 241 -23.82 -15.37 2.45
CA PHE A 241 -24.14 -15.82 1.11
C PHE A 241 -23.01 -16.58 0.44
N VAL A 242 -23.34 -17.75 -0.12
CA VAL A 242 -22.37 -18.60 -0.81
C VAL A 242 -22.76 -18.78 -2.28
N PRO A 243 -21.94 -18.27 -3.21
CA PRO A 243 -22.22 -18.39 -4.64
C PRO A 243 -21.81 -19.75 -5.20
N LYS A 244 -22.74 -20.42 -5.87
CA LYS A 244 -22.44 -21.71 -6.48
C LYS A 244 -21.50 -21.49 -7.65
N ILE A 245 -20.31 -22.07 -7.56
CA ILE A 245 -19.32 -21.91 -8.61
C ILE A 245 -18.70 -23.24 -9.04
N PRO A 246 -17.91 -23.22 -10.13
CA PRO A 246 -17.26 -24.41 -10.67
C PRO A 246 -15.90 -24.69 -10.02
N SER A 247 -15.56 -25.97 -9.90
CA SER A 247 -14.28 -26.36 -9.31
C SER A 247 -13.32 -26.66 -10.45
N MET A 248 -12.06 -26.25 -10.31
CA MET A 248 -11.07 -26.48 -11.34
C MET A 248 -9.80 -27.18 -10.87
N LYS A 249 -9.74 -28.49 -11.04
CA LYS A 249 -8.56 -29.25 -10.65
C LYS A 249 -7.34 -28.62 -11.32
N MET A 250 -6.36 -28.24 -10.50
CA MET A 250 -5.14 -27.58 -10.96
C MET A 250 -4.42 -28.16 -12.18
N THR A 251 -4.20 -29.48 -12.20
CA THR A 251 -3.51 -30.12 -13.33
C THR A 251 -3.95 -29.53 -14.65
N ASP A 252 -5.24 -29.62 -14.94
CA ASP A 252 -5.80 -29.09 -16.17
C ASP A 252 -5.48 -27.60 -16.29
N LEU A 253 -5.69 -26.86 -15.21
CA LEU A 253 -5.42 -25.43 -15.18
C LEU A 253 -3.97 -25.17 -15.62
N ALA A 254 -3.17 -26.22 -15.66
CA ALA A 254 -1.77 -26.08 -16.07
C ALA A 254 -1.63 -25.99 -17.59
N LYS A 255 -2.11 -27.01 -18.30
CA LYS A 255 -2.03 -27.02 -19.77
C LYS A 255 -2.65 -25.77 -20.38
N ALA A 256 -3.48 -25.08 -19.60
CA ALA A 256 -4.14 -23.86 -20.09
C ALA A 256 -3.17 -22.71 -20.27
N LEU A 257 -2.61 -22.22 -19.16
CA LEU A 257 -1.66 -21.11 -19.19
C LEU A 257 -0.27 -21.52 -19.68
N ALA A 258 -0.24 -22.61 -20.44
CA ALA A 258 0.99 -23.17 -21.01
C ALA A 258 0.65 -24.55 -21.54
N PRO A 259 0.28 -24.66 -22.83
CA PRO A 259 -0.06 -25.96 -23.40
C PRO A 259 0.98 -27.03 -23.09
N ASN A 260 2.26 -26.71 -23.32
CA ASN A 260 3.35 -27.64 -23.06
C ASN A 260 4.63 -26.96 -22.53
N THR A 261 5.03 -27.33 -21.31
CA THR A 261 6.22 -26.76 -20.66
C THR A 261 6.68 -27.66 -19.51
N PRO A 262 7.99 -27.64 -19.19
CA PRO A 262 8.48 -28.48 -18.09
C PRO A 262 8.13 -27.91 -16.71
N THR A 263 6.93 -28.24 -16.25
CA THR A 263 6.44 -27.81 -14.95
C THR A 263 7.30 -28.40 -13.84
N LYS A 264 7.32 -27.75 -12.68
CA LYS A 264 8.11 -28.23 -11.55
C LYS A 264 7.29 -28.29 -10.26
N ILE A 265 7.28 -29.45 -9.60
CA ILE A 265 6.54 -29.62 -8.35
C ILE A 265 7.37 -29.08 -7.20
N ILE A 266 7.21 -27.78 -6.90
CA ILE A 266 7.96 -27.17 -5.81
C ILE A 266 7.55 -27.76 -4.46
N GLY A 267 6.57 -27.15 -3.81
CA GLY A 267 6.13 -27.66 -2.53
C GLY A 267 4.93 -26.92 -1.98
N ILE A 268 4.20 -27.57 -1.07
CA ILE A 268 3.02 -26.97 -0.45
C ILE A 268 3.42 -25.75 0.35
N ARG A 269 3.01 -24.57 -0.10
CA ARG A 269 3.34 -23.33 0.60
C ARG A 269 2.73 -23.41 2.01
N PRO A 270 3.31 -22.66 2.97
CA PRO A 270 2.80 -22.66 4.34
C PRO A 270 1.28 -22.49 4.43
N GLY A 271 0.67 -23.18 5.38
CA GLY A 271 -0.77 -23.10 5.61
C GLY A 271 -1.69 -23.29 4.41
N GLU A 272 -1.17 -23.82 3.31
CA GLU A 272 -1.97 -24.03 2.11
C GLU A 272 -2.71 -25.37 2.11
N LYS A 273 -4.04 -25.32 2.16
CA LYS A 273 -4.85 -26.53 2.17
C LYS A 273 -4.66 -27.33 0.89
N LEU A 274 -5.49 -28.37 0.72
CA LEU A 274 -5.43 -29.23 -0.44
C LEU A 274 -6.80 -29.28 -1.10
N HIS A 275 -7.83 -29.03 -0.30
CA HIS A 275 -9.21 -29.02 -0.77
C HIS A 275 -9.99 -27.96 0.01
N GLU A 276 -10.36 -26.87 -0.67
CA GLU A 276 -11.09 -25.79 -0.04
C GLU A 276 -12.55 -26.13 0.25
N VAL A 277 -13.02 -25.69 1.42
CA VAL A 277 -14.40 -25.93 1.83
C VAL A 277 -15.17 -24.62 1.71
N MET A 278 -16.40 -24.70 1.21
CA MET A 278 -17.24 -23.52 1.05
C MET A 278 -18.26 -23.56 2.19
N ILE A 279 -18.75 -24.76 2.48
CA ILE A 279 -19.71 -24.99 3.56
C ILE A 279 -19.26 -26.23 4.33
N PRO A 280 -19.10 -26.09 5.66
CA PRO A 280 -18.67 -27.20 6.52
C PRO A 280 -19.68 -28.34 6.58
N LYS A 281 -19.21 -29.50 7.03
CA LYS A 281 -20.04 -30.68 7.17
C LYS A 281 -20.83 -30.54 8.48
N ASP A 282 -20.23 -29.84 9.45
CA ASP A 282 -20.83 -29.64 10.75
C ASP A 282 -21.75 -28.41 10.84
N GLU A 283 -21.96 -27.74 9.71
CA GLU A 283 -22.83 -26.56 9.69
C GLU A 283 -23.95 -26.67 8.65
N SER A 284 -23.95 -27.76 7.89
CA SER A 284 -24.96 -27.97 6.86
C SER A 284 -26.37 -27.72 7.39
N HIS A 285 -26.64 -28.16 8.62
CA HIS A 285 -27.95 -27.98 9.22
C HIS A 285 -28.37 -26.51 9.32
N LEU A 286 -27.47 -25.62 8.91
CA LEU A 286 -27.75 -24.18 8.94
C LEU A 286 -27.96 -23.66 7.53
N ALA A 287 -27.37 -24.35 6.56
CA ALA A 287 -27.48 -23.95 5.18
C ALA A 287 -28.92 -24.02 4.65
N LEU A 288 -29.17 -23.26 3.59
CA LEU A 288 -30.46 -23.22 2.93
C LEU A 288 -30.10 -23.13 1.46
N GLU A 289 -30.29 -24.22 0.75
CA GLU A 289 -29.96 -24.26 -0.67
C GLU A 289 -30.90 -23.42 -1.52
N PHE A 290 -30.34 -22.81 -2.55
CA PHE A 290 -31.08 -21.98 -3.48
C PHE A 290 -30.68 -22.39 -4.90
N GLU A 291 -31.40 -21.87 -5.89
CA GLU A 291 -31.13 -22.21 -7.28
C GLU A 291 -29.68 -22.03 -7.71
N ASP A 292 -29.10 -20.87 -7.37
CA ASP A 292 -27.74 -20.56 -7.76
C ASP A 292 -26.83 -20.09 -6.63
N PHE A 293 -27.28 -20.22 -5.38
CA PHE A 293 -26.47 -19.81 -4.24
C PHE A 293 -26.89 -20.48 -2.93
N PHE A 294 -26.14 -20.22 -1.87
CA PHE A 294 -26.40 -20.79 -0.54
C PHE A 294 -26.47 -19.73 0.55
N ILE A 295 -27.11 -20.07 1.67
CA ILE A 295 -27.24 -19.15 2.79
C ILE A 295 -27.05 -19.84 4.13
N ILE A 296 -25.86 -19.70 4.71
CA ILE A 296 -25.58 -20.29 6.00
C ILE A 296 -26.15 -19.37 7.07
N GLN A 297 -27.21 -19.82 7.73
CA GLN A 297 -27.85 -19.02 8.77
C GLN A 297 -27.01 -18.90 10.03
N PRO A 298 -27.22 -17.82 10.80
CA PRO A 298 -26.48 -17.55 12.03
C PRO A 298 -26.48 -18.75 12.99
N THR A 299 -25.34 -18.98 13.66
CA THR A 299 -25.23 -20.08 14.61
C THR A 299 -25.75 -19.61 15.97
N ILE A 300 -26.26 -18.39 16.01
CA ILE A 300 -26.81 -17.81 17.22
C ILE A 300 -28.19 -17.25 16.92
N SER A 301 -28.94 -16.89 17.96
CA SER A 301 -30.27 -16.35 17.77
C SER A 301 -30.28 -14.86 18.06
N PHE A 302 -30.90 -14.07 17.19
CA PHE A 302 -30.95 -12.63 17.39
C PHE A 302 -32.27 -12.24 18.05
N GLN A 303 -32.36 -11.01 18.56
CA GLN A 303 -33.57 -10.54 19.20
C GLN A 303 -34.70 -10.53 18.18
N THR A 304 -34.37 -10.12 16.96
CA THR A 304 -35.33 -10.07 15.87
C THR A 304 -35.03 -11.18 14.87
N PRO A 305 -35.69 -12.34 15.02
CA PRO A 305 -35.49 -13.47 14.12
C PRO A 305 -35.89 -13.15 12.67
N LYS A 306 -35.43 -13.95 11.73
CA LYS A 306 -35.73 -13.74 10.33
C LYS A 306 -35.82 -15.06 9.57
N ASP A 307 -36.64 -15.08 8.53
CA ASP A 307 -36.80 -16.28 7.72
C ASP A 307 -35.86 -16.14 6.54
N TYR A 308 -34.70 -16.78 6.64
CA TYR A 308 -33.71 -16.72 5.60
C TYR A 308 -34.08 -17.54 4.36
N THR A 309 -35.22 -18.21 4.40
CA THR A 309 -35.69 -19.02 3.27
C THR A 309 -36.30 -18.15 2.20
N LEU A 310 -36.52 -16.88 2.52
CA LEU A 310 -37.10 -15.92 1.60
C LEU A 310 -36.21 -14.70 1.40
N THR A 311 -35.43 -14.69 0.33
CA THR A 311 -34.58 -13.54 0.05
C THR A 311 -35.51 -12.33 0.00
N LYS A 312 -34.96 -11.13 0.11
CA LYS A 312 -35.81 -9.96 0.05
C LYS A 312 -36.21 -9.77 -1.41
N LEU A 313 -35.94 -10.81 -2.19
CA LEU A 313 -36.26 -10.85 -3.61
C LEU A 313 -37.32 -11.94 -3.83
N HIS A 314 -37.90 -12.40 -2.72
CA HIS A 314 -38.94 -13.44 -2.74
C HIS A 314 -38.42 -14.85 -2.95
N GLU A 315 -37.22 -14.97 -3.48
CA GLU A 315 -36.61 -16.27 -3.75
C GLU A 315 -36.77 -17.22 -2.56
N LYS A 316 -37.45 -18.33 -2.80
CA LYS A 316 -37.70 -19.32 -1.76
C LYS A 316 -36.50 -20.26 -1.62
N GLY A 317 -36.41 -20.95 -0.50
CA GLY A 317 -35.30 -21.86 -0.29
C GLY A 317 -35.61 -23.06 0.59
N GLN A 318 -35.04 -24.20 0.22
CA GLN A 318 -35.20 -25.46 0.96
C GLN A 318 -33.83 -25.77 1.55
N LYS A 319 -33.81 -26.38 2.74
CA LYS A 319 -32.53 -26.71 3.37
C LYS A 319 -31.72 -27.69 2.53
N VAL A 320 -30.77 -28.39 3.16
CA VAL A 320 -29.95 -29.33 2.42
C VAL A 320 -29.80 -30.65 3.15
N ALA A 321 -29.28 -31.65 2.44
CA ALA A 321 -29.07 -32.97 3.00
C ALA A 321 -28.26 -32.93 4.29
N PRO A 322 -28.85 -33.40 5.40
CA PRO A 322 -28.16 -33.41 6.70
C PRO A 322 -26.89 -34.27 6.69
N ASP A 323 -25.88 -33.77 5.99
CA ASP A 323 -24.59 -34.44 5.87
C ASP A 323 -23.78 -33.67 4.82
N PHE A 324 -24.49 -32.89 4.02
CA PHE A 324 -23.91 -32.07 2.96
C PHE A 324 -22.64 -31.33 3.39
N GLU A 325 -21.65 -31.32 2.52
CA GLU A 325 -20.39 -30.64 2.78
C GLU A 325 -19.86 -30.08 1.46
N TYR A 326 -20.30 -28.87 1.14
CA TYR A 326 -19.89 -28.21 -0.10
C TYR A 326 -18.37 -28.06 -0.15
N SER A 327 -17.72 -29.06 -0.72
CA SER A 327 -16.26 -29.07 -0.86
C SER A 327 -15.93 -28.90 -2.33
N SER A 328 -14.72 -28.42 -2.62
CA SER A 328 -14.34 -28.22 -4.01
C SER A 328 -14.14 -29.55 -4.74
N HIS A 329 -13.58 -30.54 -4.05
CA HIS A 329 -13.35 -31.83 -4.69
C HIS A 329 -14.67 -32.55 -4.94
N ASN A 330 -15.56 -32.54 -3.94
CA ASN A 330 -16.85 -33.21 -4.07
C ASN A 330 -17.84 -32.35 -4.86
N ASN A 331 -17.31 -31.39 -5.61
CA ASN A 331 -18.15 -30.50 -6.42
C ASN A 331 -18.68 -31.28 -7.62
N ASN A 332 -19.87 -30.91 -8.08
CA ASN A 332 -20.50 -31.57 -9.22
C ASN A 332 -20.01 -31.01 -10.54
N GLN A 333 -20.09 -29.69 -10.69
CA GLN A 333 -19.66 -29.04 -11.92
C GLN A 333 -18.16 -28.79 -11.89
N TRP A 334 -17.56 -28.61 -13.07
CA TRP A 334 -16.12 -28.34 -13.19
C TRP A 334 -15.87 -27.42 -14.36
N LEU A 335 -14.60 -27.16 -14.66
CA LEU A 335 -14.25 -26.27 -15.77
C LEU A 335 -13.26 -26.86 -16.75
N GLU A 336 -13.70 -27.08 -17.99
CA GLU A 336 -12.85 -27.63 -19.03
C GLU A 336 -11.68 -26.67 -19.24
N PRO A 337 -10.48 -27.21 -19.52
CA PRO A 337 -9.28 -26.41 -19.74
C PRO A 337 -9.41 -25.41 -20.89
N ASP A 338 -10.65 -25.11 -21.26
CA ASP A 338 -10.95 -24.17 -22.33
C ASP A 338 -11.96 -23.15 -21.82
N ASP A 339 -12.76 -23.56 -20.84
CA ASP A 339 -13.75 -22.67 -20.24
C ASP A 339 -12.98 -21.57 -19.53
N LEU A 340 -11.76 -21.89 -19.12
CA LEU A 340 -10.89 -20.93 -18.45
C LEU A 340 -10.23 -20.07 -19.50
N LEU A 341 -9.87 -20.68 -20.62
CA LEU A 341 -9.25 -19.95 -21.71
C LEU A 341 -10.25 -18.85 -22.06
N LYS A 342 -11.53 -19.19 -21.89
CA LYS A 342 -12.62 -18.27 -22.16
C LYS A 342 -12.80 -17.36 -20.96
N LEU A 343 -11.68 -17.01 -20.36
CA LEU A 343 -11.58 -16.12 -19.20
C LEU A 343 -10.22 -15.42 -19.31
N LEU A 344 -9.16 -16.22 -19.23
CA LEU A 344 -7.78 -15.74 -19.34
C LEU A 344 -7.66 -14.23 -19.11
N MET B 18 33.89 0.54 6.95
CA MET B 18 32.49 1.02 6.73
C MET B 18 31.49 -0.08 7.11
N LEU B 19 30.42 -0.19 6.33
CA LEU B 19 29.37 -1.19 6.57
C LEU B 19 29.91 -2.58 6.28
N ASP B 20 29.70 -3.51 7.21
CA ASP B 20 30.20 -4.88 7.04
C ASP B 20 29.57 -5.81 8.08
N ASN B 21 28.92 -6.86 7.61
CA ASN B 21 28.28 -7.82 8.51
C ASN B 21 27.19 -7.13 9.32
N GLN B 22 26.82 -5.92 8.88
CA GLN B 22 25.80 -5.11 9.52
C GLN B 22 24.40 -5.50 9.10
N THR B 23 23.41 -5.06 9.87
CA THR B 23 22.02 -5.31 9.54
C THR B 23 21.41 -3.94 9.27
N ILE B 24 20.72 -3.83 8.14
CA ILE B 24 20.09 -2.57 7.74
C ILE B 24 18.59 -2.74 7.60
N LEU B 25 17.85 -1.85 8.24
CA LEU B 25 16.39 -1.87 8.13
C LEU B 25 15.99 -0.54 7.50
N ILE B 26 15.18 -0.60 6.43
CA ILE B 26 14.73 0.62 5.78
C ILE B 26 13.22 0.67 5.68
N THR B 27 12.64 1.70 6.32
CA THR B 27 11.18 1.86 6.31
C THR B 27 10.71 2.31 4.95
N GLY B 28 9.78 1.57 4.37
CA GLY B 28 9.29 1.91 3.05
C GLY B 28 10.26 1.41 2.00
N GLY B 29 10.87 0.27 2.27
CA GLY B 29 11.84 -0.30 1.37
C GLY B 29 11.25 -0.85 0.08
N THR B 30 9.94 -0.77 -0.08
CA THR B 30 9.30 -1.26 -1.29
C THR B 30 9.09 -0.10 -2.24
N GLY B 31 9.60 1.07 -1.84
CA GLY B 31 9.46 2.25 -2.66
C GLY B 31 10.61 2.45 -3.62
N SER B 32 10.53 3.50 -4.44
CA SER B 32 11.58 3.78 -5.41
C SER B 32 12.94 3.77 -4.75
N PHE B 33 13.20 4.76 -3.90
CA PHE B 33 14.48 4.83 -3.20
C PHE B 33 14.70 3.49 -2.51
N GLY B 34 13.59 2.90 -2.03
CA GLY B 34 13.63 1.64 -1.33
C GLY B 34 14.36 0.52 -2.02
N LYS B 35 13.93 0.18 -3.24
CA LYS B 35 14.55 -0.91 -3.98
C LYS B 35 15.93 -0.51 -4.56
N CYS B 36 15.99 0.66 -5.17
CA CYS B 36 17.23 1.16 -5.74
C CYS B 36 18.33 1.16 -4.66
N PHE B 37 17.92 1.29 -3.40
CA PHE B 37 18.87 1.29 -2.28
C PHE B 37 19.19 -0.13 -1.87
N VAL B 38 18.15 -0.97 -1.77
CA VAL B 38 18.35 -2.36 -1.39
C VAL B 38 19.29 -2.99 -2.40
N ARG B 39 19.00 -2.77 -3.67
CA ARG B 39 19.82 -3.32 -4.74
C ARG B 39 21.29 -2.92 -4.58
N LYS B 40 21.55 -1.62 -4.45
CA LYS B 40 22.91 -1.09 -4.30
C LYS B 40 23.64 -1.55 -3.04
N VAL B 41 22.92 -1.70 -1.94
CA VAL B 41 23.58 -2.18 -0.74
C VAL B 41 23.90 -3.65 -0.98
N LEU B 42 22.97 -4.37 -1.60
CA LEU B 42 23.16 -5.78 -1.91
C LEU B 42 24.43 -6.03 -2.72
N ASP B 43 24.60 -5.23 -3.77
CA ASP B 43 25.71 -5.35 -4.69
C ASP B 43 27.03 -4.73 -4.29
N THR B 44 27.00 -3.60 -3.60
CA THR B 44 28.26 -2.95 -3.23
C THR B 44 28.76 -3.11 -1.82
N THR B 45 28.01 -3.79 -0.95
CA THR B 45 28.47 -3.97 0.43
C THR B 45 28.42 -5.41 0.91
N ASN B 46 28.81 -5.59 2.16
CA ASN B 46 28.78 -6.90 2.80
C ASN B 46 27.73 -6.88 3.90
N ALA B 47 26.71 -6.06 3.69
CA ALA B 47 25.61 -5.96 4.64
C ALA B 47 25.12 -7.37 4.88
N LYS B 48 25.26 -7.86 6.10
CA LYS B 48 24.85 -9.22 6.43
C LYS B 48 23.37 -9.52 6.23
N LYS B 49 22.53 -8.51 6.44
CA LYS B 49 21.09 -8.69 6.33
C LYS B 49 20.36 -7.37 6.06
N ILE B 50 19.56 -7.31 4.99
CA ILE B 50 18.80 -6.11 4.67
C ILE B 50 17.32 -6.34 4.90
N ILE B 51 16.75 -5.53 5.80
CA ILE B 51 15.36 -5.66 6.19
C ILE B 51 14.42 -4.59 5.66
N VAL B 52 13.39 -5.02 4.90
CA VAL B 52 12.39 -4.11 4.34
C VAL B 52 11.18 -4.08 5.29
N TYR B 53 10.83 -2.88 5.73
CA TYR B 53 9.72 -2.68 6.65
C TYR B 53 8.65 -1.81 5.97
N SER B 54 7.50 -2.40 5.67
CA SER B 54 6.44 -1.66 5.01
C SER B 54 5.09 -2.35 5.21
N ARG B 55 4.03 -1.70 4.74
CA ARG B 55 2.68 -2.20 4.91
C ARG B 55 2.06 -3.13 3.89
N ASP B 56 2.38 -2.98 2.62
CA ASP B 56 1.73 -3.81 1.61
C ASP B 56 2.34 -5.16 1.32
N GLU B 57 1.50 -6.18 1.42
CA GLU B 57 1.88 -7.56 1.19
C GLU B 57 2.10 -7.87 -0.28
N LEU B 58 1.41 -7.13 -1.14
CA LEU B 58 1.52 -7.35 -2.58
C LEU B 58 2.85 -6.87 -3.14
N LYS B 59 3.39 -5.79 -2.58
CA LYS B 59 4.67 -5.27 -3.03
C LYS B 59 5.82 -6.08 -2.46
N GLN B 60 5.64 -6.56 -1.23
CA GLN B 60 6.67 -7.36 -0.57
C GLN B 60 6.68 -8.78 -1.10
N SER B 61 5.55 -9.24 -1.62
CA SER B 61 5.50 -10.58 -2.19
C SER B 61 6.18 -10.46 -3.55
N GLU B 62 5.87 -9.38 -4.26
CA GLU B 62 6.47 -9.11 -5.56
C GLU B 62 7.94 -8.73 -5.41
N MET B 63 8.30 -8.09 -4.31
CA MET B 63 9.67 -7.66 -4.11
C MET B 63 10.59 -8.77 -3.61
N ALA B 64 10.02 -9.79 -3.00
CA ALA B 64 10.83 -10.88 -2.49
C ALA B 64 11.22 -11.77 -3.66
N MET B 65 10.31 -11.93 -4.60
CA MET B 65 10.56 -12.76 -5.77
C MET B 65 11.55 -12.11 -6.73
N GLU B 66 11.63 -10.78 -6.75
CA GLU B 66 12.60 -10.16 -7.63
C GLU B 66 13.96 -10.16 -6.93
N PHE B 67 14.04 -9.65 -5.72
CA PHE B 67 15.31 -9.70 -5.00
C PHE B 67 15.35 -11.08 -4.35
N ASN B 68 15.60 -12.11 -5.17
CA ASN B 68 15.64 -13.47 -4.66
C ASN B 68 16.97 -13.72 -3.96
N ASP B 69 17.14 -13.13 -2.78
CA ASP B 69 18.39 -13.28 -2.04
C ASP B 69 18.19 -13.42 -0.53
N PRO B 70 18.82 -14.44 0.07
CA PRO B 70 18.75 -14.73 1.50
C PRO B 70 19.27 -13.61 2.40
N ARG B 71 19.78 -12.53 1.79
CA ARG B 71 20.28 -11.39 2.54
C ARG B 71 19.07 -10.55 2.96
N MET B 72 17.97 -10.77 2.27
CA MET B 72 16.74 -10.03 2.53
C MET B 72 15.95 -10.57 3.73
N ARG B 73 14.88 -9.86 4.05
CA ARG B 73 13.97 -10.22 5.12
C ARG B 73 12.87 -9.16 5.10
N PHE B 74 11.63 -9.61 4.94
CA PHE B 74 10.51 -8.69 4.85
C PHE B 74 9.59 -8.71 6.05
N PHE B 75 9.49 -7.55 6.70
CA PHE B 75 8.62 -7.35 7.86
C PHE B 75 7.44 -6.50 7.43
N ILE B 76 6.22 -6.98 7.63
CA ILE B 76 5.05 -6.19 7.30
C ILE B 76 4.75 -5.37 8.54
N GLY B 77 4.71 -4.05 8.37
CA GLY B 77 4.43 -3.17 9.49
C GLY B 77 4.21 -1.74 9.04
N ASP B 78 3.62 -0.94 9.92
CA ASP B 78 3.32 0.45 9.65
C ASP B 78 4.24 1.27 10.57
N VAL B 79 4.62 2.49 10.19
CA VAL B 79 5.47 3.30 11.08
C VAL B 79 4.64 3.97 12.16
N ARG B 80 3.32 3.91 11.97
CA ARG B 80 2.39 4.48 12.93
C ARG B 80 2.25 3.49 14.09
N ASP B 81 2.92 2.35 13.98
CA ASP B 81 2.86 1.31 15.00
C ASP B 81 4.18 1.22 15.76
N LEU B 82 4.17 1.63 17.04
CA LEU B 82 5.39 1.62 17.83
C LEU B 82 5.87 0.26 18.29
N GLU B 83 4.95 -0.61 18.71
CA GLU B 83 5.35 -1.95 19.14
C GLU B 83 6.08 -2.66 18.02
N ARG B 84 5.39 -2.79 16.90
CA ARG B 84 5.93 -3.44 15.71
C ARG B 84 7.33 -2.96 15.38
N LEU B 85 7.52 -1.65 15.32
CA LEU B 85 8.85 -1.12 15.03
C LEU B 85 9.89 -1.63 16.01
N ASN B 86 9.54 -1.62 17.30
CA ASN B 86 10.48 -2.10 18.31
C ASN B 86 10.83 -3.54 18.05
N TYR B 87 9.85 -4.29 17.58
CA TYR B 87 10.06 -5.70 17.28
C TYR B 87 10.94 -5.79 16.05
N ALA B 88 10.57 -5.05 15.02
CA ALA B 88 11.29 -5.04 13.75
C ALA B 88 12.73 -4.59 13.82
N LEU B 89 13.04 -3.66 14.72
CA LEU B 89 14.39 -3.11 14.86
C LEU B 89 15.32 -3.84 15.80
N GLU B 90 14.86 -4.96 16.36
CA GLU B 90 15.70 -5.72 17.28
C GLU B 90 16.87 -6.27 16.49
N GLY B 91 18.09 -5.94 16.92
CA GLY B 91 19.28 -6.44 16.26
C GLY B 91 19.75 -5.71 15.02
N VAL B 92 19.10 -4.60 14.70
CA VAL B 92 19.49 -3.82 13.55
C VAL B 92 20.65 -2.91 13.92
N ASP B 93 21.53 -2.66 12.96
CA ASP B 93 22.72 -1.81 13.16
C ASP B 93 22.47 -0.40 12.62
N ILE B 94 22.01 -0.33 11.38
CA ILE B 94 21.74 0.94 10.72
C ILE B 94 20.30 0.98 10.25
N CYS B 95 19.69 2.17 10.26
CA CYS B 95 18.32 2.32 9.82
C CYS B 95 18.13 3.51 8.88
N ILE B 96 17.49 3.26 7.74
CA ILE B 96 17.21 4.31 6.77
C ILE B 96 15.68 4.48 6.81
N HIS B 97 15.23 5.72 6.99
CA HIS B 97 13.81 6.02 7.09
C HIS B 97 13.32 6.68 5.81
N ALA B 98 12.59 5.92 5.00
CA ALA B 98 12.09 6.42 3.73
C ALA B 98 10.57 6.31 3.64
N ALA B 99 9.95 5.78 4.68
CA ALA B 99 8.49 5.64 4.69
C ALA B 99 7.88 7.04 4.76
N ALA B 100 6.74 7.22 4.09
CA ALA B 100 6.09 8.52 4.12
C ALA B 100 5.00 8.66 3.09
N LEU B 101 4.14 9.64 3.30
CA LEU B 101 3.09 9.98 2.35
C LEU B 101 3.70 11.21 1.71
N LYS B 102 3.96 11.14 0.41
CA LYS B 102 4.63 12.24 -0.26
C LYS B 102 3.80 13.01 -1.28
N HIS B 103 2.59 12.55 -1.54
CA HIS B 103 1.76 13.23 -2.52
C HIS B 103 1.14 14.50 -1.95
N VAL B 104 1.79 15.62 -2.24
CA VAL B 104 1.38 16.93 -1.77
C VAL B 104 -0.11 17.26 -1.83
N PRO B 105 -0.76 17.04 -2.99
CA PRO B 105 -2.19 17.36 -3.02
C PRO B 105 -2.99 16.51 -2.04
N ILE B 106 -2.75 15.21 -2.08
CA ILE B 106 -3.43 14.28 -1.20
C ILE B 106 -3.22 14.68 0.28
N ALA B 107 -2.01 15.11 0.61
CA ALA B 107 -1.72 15.52 1.97
C ALA B 107 -2.58 16.72 2.38
N GLU B 108 -2.94 17.56 1.42
CA GLU B 108 -3.75 18.74 1.72
C GLU B 108 -5.18 18.31 2.07
N TYR B 109 -5.63 17.21 1.51
CA TYR B 109 -6.98 16.70 1.78
C TYR B 109 -7.00 15.68 2.92
N ASN B 110 -5.84 15.08 3.19
CA ASN B 110 -5.72 14.09 4.26
C ASN B 110 -4.62 14.54 5.21
N PRO B 111 -4.70 15.79 5.70
CA PRO B 111 -3.68 16.33 6.62
C PRO B 111 -3.33 15.53 7.87
N LEU B 112 -4.30 14.84 8.47
CA LEU B 112 -3.95 14.08 9.66
C LEU B 112 -3.24 12.80 9.26
N GLU B 113 -3.58 12.27 8.10
CA GLU B 113 -2.95 11.05 7.64
C GLU B 113 -1.47 11.32 7.41
N CYS B 114 -1.18 12.43 6.74
CA CYS B 114 0.18 12.83 6.44
C CYS B 114 0.93 13.10 7.75
N ILE B 115 0.24 13.74 8.70
CA ILE B 115 0.86 14.01 9.99
C ILE B 115 1.17 12.72 10.77
N LYS B 116 0.20 11.81 10.82
CA LYS B 116 0.41 10.55 11.52
C LYS B 116 1.61 9.79 10.96
N THR B 117 1.60 9.57 9.66
CA THR B 117 2.68 8.85 9.00
C THR B 117 4.05 9.51 9.11
N ASN B 118 4.14 10.76 8.68
CA ASN B 118 5.42 11.46 8.66
C ASN B 118 5.99 11.89 10.00
N ILE B 119 5.19 12.60 10.79
CA ILE B 119 5.62 13.09 12.10
C ILE B 119 5.59 11.96 13.15
N MET B 120 4.42 11.44 13.47
CA MET B 120 4.33 10.38 14.47
C MET B 120 5.19 9.21 14.04
N GLY B 121 5.25 8.97 12.73
CA GLY B 121 6.03 7.88 12.18
C GLY B 121 7.50 8.06 12.49
N ALA B 122 7.97 9.29 12.29
CA ALA B 122 9.37 9.62 12.55
C ALA B 122 9.67 9.48 14.03
N SER B 123 8.71 9.88 14.86
CA SER B 123 8.90 9.78 16.29
C SER B 123 9.02 8.33 16.73
N ASN B 124 8.14 7.47 16.25
CA ASN B 124 8.20 6.06 16.63
C ASN B 124 9.48 5.40 16.16
N VAL B 125 9.93 5.75 14.96
CA VAL B 125 11.15 5.16 14.43
C VAL B 125 12.32 5.56 15.32
N ILE B 126 12.33 6.83 15.71
CA ILE B 126 13.39 7.35 16.57
C ILE B 126 13.42 6.58 17.88
N ASN B 127 12.24 6.35 18.45
CA ASN B 127 12.10 5.63 19.70
C ASN B 127 12.60 4.19 19.60
N ALA B 128 12.07 3.46 18.63
CA ALA B 128 12.43 2.07 18.43
C ALA B 128 13.92 1.93 18.17
N CYS B 129 14.52 2.93 17.55
CA CYS B 129 15.93 2.84 17.27
C CYS B 129 16.73 2.91 18.54
N LEU B 130 16.41 3.89 19.39
CA LEU B 130 17.12 4.06 20.66
C LEU B 130 16.96 2.79 21.51
N LYS B 131 15.73 2.32 21.64
CA LYS B 131 15.50 1.11 22.43
C LYS B 131 16.33 -0.09 21.98
N ASN B 132 16.56 -0.20 20.68
CA ASN B 132 17.31 -1.32 20.15
C ASN B 132 18.79 -1.03 19.97
N ALA B 133 19.20 0.14 20.43
CA ALA B 133 20.59 0.55 20.37
C ALA B 133 21.18 0.61 18.97
N ILE B 134 20.37 0.94 17.98
CA ILE B 134 20.86 1.05 16.61
C ILE B 134 22.06 1.99 16.65
N SER B 135 22.94 1.92 15.67
CA SER B 135 24.10 2.79 15.66
C SER B 135 23.92 4.05 14.84
N GLN B 136 23.29 3.93 13.68
CA GLN B 136 23.11 5.09 12.82
C GLN B 136 21.76 5.10 12.14
N VAL B 137 21.16 6.29 12.07
CA VAL B 137 19.87 6.43 11.43
C VAL B 137 19.89 7.62 10.50
N ILE B 138 19.42 7.39 9.27
CA ILE B 138 19.34 8.42 8.26
C ILE B 138 17.90 8.51 7.77
N ALA B 139 17.29 9.67 7.97
CA ALA B 139 15.92 9.90 7.53
C ALA B 139 15.98 10.70 6.23
N LEU B 140 15.03 10.47 5.34
CA LEU B 140 15.00 11.20 4.07
C LEU B 140 14.08 12.39 4.15
N SER B 141 14.64 13.57 3.90
CA SER B 141 13.90 14.83 3.92
C SER B 141 13.48 15.17 2.51
N THR B 142 13.35 16.46 2.21
CA THR B 142 12.96 16.95 0.90
C THR B 142 13.16 18.45 0.90
N ASP B 143 13.33 19.03 -0.28
CA ASP B 143 13.52 20.47 -0.40
C ASP B 143 12.24 21.20 -0.01
N LYS B 144 11.13 20.45 -0.02
CA LYS B 144 9.82 21.01 0.33
C LYS B 144 9.68 21.33 1.82
N ALA B 145 10.64 20.84 2.60
CA ALA B 145 10.69 21.04 4.04
C ALA B 145 11.40 22.35 4.38
N ALA B 146 12.00 22.97 3.38
CA ALA B 146 12.71 24.24 3.55
C ALA B 146 11.73 25.37 3.26
N ASN B 147 11.56 26.27 4.23
CA ASN B 147 10.62 27.39 4.09
C ASN B 147 9.34 26.90 3.41
N PRO B 148 8.78 25.78 3.91
CA PRO B 148 7.57 25.18 3.37
C PRO B 148 6.28 25.99 3.35
N ILE B 149 5.37 25.59 2.47
CA ILE B 149 4.07 26.22 2.34
C ILE B 149 2.98 25.15 2.44
N ASN B 150 3.23 23.97 1.88
CA ASN B 150 2.26 22.90 1.92
C ASN B 150 2.42 22.01 3.14
N LEU B 151 1.36 21.28 3.48
CA LEU B 151 1.38 20.39 4.64
C LEU B 151 2.53 19.40 4.57
N TYR B 152 2.57 18.61 3.51
CA TYR B 152 3.63 17.63 3.32
C TYR B 152 4.99 18.16 3.80
N GLY B 153 5.37 19.36 3.34
CA GLY B 153 6.63 19.94 3.73
C GLY B 153 6.69 20.33 5.20
N ALA B 154 5.57 20.78 5.73
CA ALA B 154 5.49 21.17 7.13
C ALA B 154 5.75 19.96 8.03
N THR B 155 5.18 18.82 7.67
CA THR B 155 5.37 17.59 8.44
C THR B 155 6.82 17.12 8.35
N LYS B 156 7.38 17.19 7.15
CA LYS B 156 8.76 16.79 6.93
C LYS B 156 9.75 17.65 7.71
N LEU B 157 9.47 18.95 7.82
CA LEU B 157 10.34 19.82 8.59
C LEU B 157 10.32 19.38 10.05
N CYS B 158 9.14 18.94 10.52
CA CYS B 158 8.98 18.44 11.90
C CYS B 158 9.79 17.15 12.07
N SER B 159 9.76 16.33 11.04
CA SER B 159 10.50 15.06 11.05
C SER B 159 12.00 15.35 11.14
N ASP B 160 12.48 16.31 10.38
CA ASP B 160 13.91 16.67 10.40
C ASP B 160 14.25 17.20 11.78
N LYS B 161 13.38 18.05 12.31
CA LYS B 161 13.60 18.64 13.63
C LYS B 161 13.71 17.57 14.70
N LEU B 162 12.83 16.58 14.64
CA LEU B 162 12.85 15.47 15.59
C LEU B 162 14.15 14.67 15.47
N PHE B 163 14.46 14.21 14.27
CA PHE B 163 15.66 13.42 14.04
C PHE B 163 16.94 14.13 14.51
N VAL B 164 17.03 15.43 14.25
CA VAL B 164 18.21 16.16 14.67
C VAL B 164 18.27 16.18 16.20
N SER B 165 17.12 16.45 16.81
CA SER B 165 17.00 16.50 18.27
C SER B 165 17.29 15.15 18.96
N ALA B 166 17.07 14.06 18.26
CA ALA B 166 17.28 12.73 18.83
C ALA B 166 18.72 12.51 19.26
N ASN B 167 19.65 13.28 18.69
CA ASN B 167 21.06 13.12 19.02
C ASN B 167 21.39 13.55 20.44
N ASN B 168 20.37 14.05 21.16
CA ASN B 168 20.59 14.47 22.54
C ASN B 168 20.40 13.33 23.54
N PHE B 169 19.59 12.34 23.19
CA PHE B 169 19.39 11.21 24.07
C PHE B 169 20.73 10.53 24.23
N LYS B 170 21.00 9.99 25.41
CA LYS B 170 22.28 9.31 25.66
C LYS B 170 22.13 8.17 26.64
N GLY B 171 21.62 7.04 26.17
CA GLY B 171 21.44 5.89 27.04
C GLY B 171 22.67 5.00 27.01
N SER B 172 22.53 3.80 27.55
CA SER B 172 23.64 2.85 27.59
C SER B 172 24.07 2.50 26.17
N SER B 173 23.43 3.14 25.20
CA SER B 173 23.72 2.95 23.79
C SER B 173 23.60 4.28 23.06
N GLN B 174 24.63 4.59 22.27
CA GLN B 174 24.65 5.84 21.50
C GLN B 174 24.10 5.58 20.10
N THR B 175 23.36 6.55 19.57
CA THR B 175 22.79 6.41 18.23
C THR B 175 22.87 7.75 17.52
N GLN B 176 23.41 7.75 16.31
CA GLN B 176 23.53 8.98 15.54
C GLN B 176 22.33 9.13 14.64
N PHE B 177 21.77 10.33 14.59
CA PHE B 177 20.59 10.58 13.76
C PHE B 177 20.87 11.71 12.78
N SER B 178 20.94 11.39 11.50
CA SER B 178 21.18 12.41 10.50
C SER B 178 20.08 12.45 9.44
N VAL B 179 20.04 13.55 8.70
CA VAL B 179 19.04 13.73 7.66
C VAL B 179 19.67 14.06 6.31
N VAL B 180 19.11 13.47 5.25
CA VAL B 180 19.57 13.72 3.90
C VAL B 180 18.43 14.41 3.18
N ARG B 181 18.70 15.59 2.65
CA ARG B 181 17.69 16.38 1.97
C ARG B 181 18.04 16.68 0.51
N TYR B 182 17.33 16.03 -0.42
CA TYR B 182 17.56 16.31 -1.83
C TYR B 182 16.27 16.46 -2.63
N GLY B 183 16.39 17.06 -3.81
CA GLY B 183 15.22 17.33 -4.64
C GLY B 183 14.44 16.23 -5.34
N ASN B 184 13.73 16.64 -6.38
CA ASN B 184 12.91 15.74 -7.18
C ASN B 184 13.78 14.67 -7.83
N VAL B 185 13.38 13.42 -7.66
CA VAL B 185 14.12 12.31 -8.22
C VAL B 185 13.68 12.06 -9.66
N VAL B 186 14.53 12.48 -10.61
CA VAL B 186 14.25 12.33 -12.03
C VAL B 186 13.44 11.08 -12.37
N GLY B 187 12.18 11.30 -12.76
CA GLY B 187 11.31 10.19 -13.11
C GLY B 187 11.14 9.19 -11.99
N SER B 188 10.02 9.25 -11.30
CA SER B 188 9.74 8.33 -10.21
C SER B 188 8.27 7.94 -10.21
N ARG B 189 7.92 6.95 -9.41
CA ARG B 189 6.55 6.46 -9.30
C ARG B 189 5.55 7.61 -9.28
N GLY B 190 5.01 7.93 -10.46
CA GLY B 190 4.04 9.00 -10.57
C GLY B 190 4.62 10.40 -10.54
N SER B 191 5.49 10.71 -11.50
CA SER B 191 6.11 12.02 -11.56
C SER B 191 5.80 12.76 -12.86
N VAL B 192 6.73 13.61 -13.30
CA VAL B 192 6.54 14.39 -14.51
C VAL B 192 7.18 13.82 -15.77
N VAL B 193 8.51 13.83 -15.83
CA VAL B 193 9.20 13.32 -17.01
C VAL B 193 8.66 12.00 -17.55
N PRO B 194 8.26 11.07 -16.66
CA PRO B 194 7.72 9.80 -17.19
C PRO B 194 6.29 10.03 -17.67
N PHE B 195 5.62 10.98 -17.03
CA PHE B 195 4.25 11.34 -17.36
C PHE B 195 4.20 11.98 -18.74
N PHE B 196 5.21 12.80 -19.04
CA PHE B 196 5.31 13.49 -20.31
C PHE B 196 5.78 12.59 -21.44
N LYS B 197 5.49 11.30 -21.32
CA LYS B 197 5.87 10.31 -22.31
C LYS B 197 4.72 9.33 -22.49
N LYS B 198 4.13 8.93 -21.37
CA LYS B 198 2.99 8.01 -21.38
C LYS B 198 1.91 8.68 -22.22
N LEU B 199 1.94 10.01 -22.25
CA LEU B 199 1.00 10.80 -23.01
C LEU B 199 1.30 10.72 -24.51
N VAL B 200 2.47 11.22 -24.91
CA VAL B 200 2.87 11.20 -26.32
C VAL B 200 2.71 9.79 -26.89
N GLN B 201 2.86 8.80 -26.02
CA GLN B 201 2.71 7.39 -26.39
C GLN B 201 1.24 7.12 -26.71
N ASN B 202 0.37 7.57 -25.82
CA ASN B 202 -1.07 7.39 -26.00
C ASN B 202 -1.64 8.61 -26.72
N LYS B 203 -0.89 9.14 -27.67
CA LYS B 203 -1.32 10.29 -28.43
C LYS B 203 -1.63 11.46 -27.49
N ALA B 204 -0.58 12.14 -27.03
CA ALA B 204 -0.75 13.28 -26.13
C ALA B 204 -1.22 14.48 -26.96
N SER B 205 -2.40 15.00 -26.63
CA SER B 205 -2.91 16.15 -27.36
C SER B 205 -2.04 17.37 -27.08
N GLU B 206 -1.45 17.43 -25.89
CA GLU B 206 -0.64 18.57 -25.50
C GLU B 206 0.47 18.28 -24.50
N ILE B 207 1.04 19.37 -23.98
CA ILE B 207 2.11 19.33 -22.99
C ILE B 207 1.83 20.44 -21.96
N PRO B 208 1.13 20.10 -20.87
CA PRO B 208 0.78 21.05 -19.81
C PRO B 208 1.97 21.61 -19.01
N ILE B 209 2.14 22.92 -19.05
CA ILE B 209 3.21 23.61 -18.34
C ILE B 209 2.62 24.66 -17.39
N THR B 210 2.48 24.28 -16.13
CA THR B 210 1.92 25.15 -15.10
C THR B 210 2.50 26.56 -15.06
N ASP B 211 3.76 26.71 -15.47
CA ASP B 211 4.38 28.04 -15.48
C ASP B 211 5.75 28.02 -16.12
N ILE B 212 6.20 29.20 -16.57
CA ILE B 212 7.49 29.35 -17.23
C ILE B 212 8.68 29.48 -16.28
N ARG B 213 8.40 29.82 -15.02
CA ARG B 213 9.46 29.98 -14.03
C ARG B 213 9.65 28.75 -13.16
N MET B 214 8.79 27.75 -13.36
CA MET B 214 8.86 26.52 -12.58
C MET B 214 10.22 25.81 -12.61
N THR B 215 11.11 26.19 -11.70
CA THR B 215 12.44 25.58 -11.60
C THR B 215 12.37 24.46 -10.57
N ARG B 216 13.31 23.52 -10.62
CA ARG B 216 13.33 22.41 -9.69
C ARG B 216 14.70 21.72 -9.66
N PHE B 217 15.20 21.43 -8.46
CA PHE B 217 16.48 20.72 -8.36
C PHE B 217 16.22 19.33 -8.90
N TRP B 218 17.20 18.77 -9.60
CA TRP B 218 17.04 17.43 -10.15
C TRP B 218 18.19 16.49 -9.78
N ILE B 219 17.82 15.28 -9.38
CA ILE B 219 18.77 14.27 -8.97
C ILE B 219 18.21 12.92 -9.41
N THR B 220 19.06 11.90 -9.51
CA THR B 220 18.60 10.57 -9.91
C THR B 220 18.43 9.61 -8.75
N LEU B 221 17.66 8.56 -8.97
CA LEU B 221 17.43 7.54 -7.96
C LEU B 221 18.79 7.06 -7.48
N ASP B 222 19.70 6.83 -8.44
CA ASP B 222 21.04 6.37 -8.13
C ASP B 222 21.91 7.39 -7.44
N GLU B 223 21.86 8.64 -7.87
CA GLU B 223 22.67 9.67 -7.22
C GLU B 223 22.22 9.81 -5.78
N GLY B 224 20.90 9.73 -5.56
CA GLY B 224 20.37 9.83 -4.22
C GLY B 224 20.85 8.69 -3.35
N VAL B 225 20.61 7.46 -3.81
CA VAL B 225 21.02 6.27 -3.08
C VAL B 225 22.49 6.28 -2.67
N SER B 226 23.33 6.93 -3.46
CA SER B 226 24.76 6.98 -3.16
C SER B 226 25.16 8.08 -2.18
N PHE B 227 24.48 9.22 -2.25
CA PHE B 227 24.77 10.32 -1.34
C PHE B 227 24.40 9.85 0.07
N VAL B 228 23.41 8.96 0.14
CA VAL B 228 22.97 8.42 1.42
C VAL B 228 24.05 7.52 2.00
N LEU B 229 24.45 6.49 1.25
CA LEU B 229 25.47 5.56 1.70
C LEU B 229 26.79 6.25 2.04
N LYS B 230 27.00 7.44 1.47
CA LYS B 230 28.21 8.21 1.75
C LYS B 230 28.02 9.00 3.05
N SER B 231 26.83 9.55 3.24
CA SER B 231 26.53 10.32 4.46
C SER B 231 26.82 9.44 5.66
N LEU B 232 26.39 8.18 5.59
CA LEU B 232 26.63 7.25 6.68
C LEU B 232 28.12 7.20 7.01
N LYS B 233 28.96 7.34 5.98
CA LYS B 233 30.41 7.30 6.15
C LYS B 233 30.96 8.63 6.68
N ARG B 234 30.20 9.71 6.50
CA ARG B 234 30.63 11.03 6.93
C ARG B 234 30.06 11.39 8.29
N MET B 235 28.74 11.30 8.38
CA MET B 235 27.96 11.66 9.55
C MET B 235 28.50 11.44 10.95
N HIS B 236 28.28 12.44 11.80
CA HIS B 236 28.65 12.44 13.21
C HIS B 236 27.32 12.32 13.97
N GLY B 237 26.24 12.64 13.29
CA GLY B 237 24.92 12.61 13.90
C GLY B 237 24.46 14.04 14.15
N GLY B 238 23.32 14.41 13.58
CA GLY B 238 22.79 15.75 13.76
C GLY B 238 22.86 16.62 12.52
N GLU B 239 23.60 16.15 11.52
CA GLU B 239 23.75 16.92 10.28
C GLU B 239 22.56 16.75 9.36
N ILE B 240 22.43 17.69 8.44
CA ILE B 240 21.38 17.63 7.44
C ILE B 240 22.16 17.83 6.15
N PHE B 241 22.65 16.74 5.61
CA PHE B 241 23.43 16.77 4.38
C PHE B 241 22.62 17.17 3.17
N VAL B 242 23.18 18.08 2.37
CA VAL B 242 22.51 18.53 1.15
C VAL B 242 23.51 18.41 -0.01
N PRO B 243 23.14 17.67 -1.07
CA PRO B 243 24.05 17.52 -2.20
C PRO B 243 23.92 18.71 -3.13
N LYS B 244 24.98 19.00 -3.87
CA LYS B 244 24.95 20.10 -4.82
C LYS B 244 24.45 19.53 -6.14
N ILE B 245 23.15 19.59 -6.38
CA ILE B 245 22.61 19.06 -7.62
C ILE B 245 22.18 20.18 -8.58
N PRO B 246 22.10 19.85 -9.89
CA PRO B 246 21.71 20.79 -10.95
C PRO B 246 20.22 21.15 -10.95
N SER B 247 19.92 22.32 -11.52
CA SER B 247 18.55 22.80 -11.63
C SER B 247 18.12 22.70 -13.09
N MET B 248 16.82 22.61 -13.33
CA MET B 248 16.32 22.52 -14.70
C MET B 248 15.02 23.31 -14.87
N LYS B 249 15.03 24.26 -15.80
CA LYS B 249 13.85 25.07 -16.07
C LYS B 249 12.78 24.14 -16.65
N MET B 250 11.57 24.23 -16.12
CA MET B 250 10.48 23.38 -16.60
C MET B 250 10.12 23.73 -18.04
N THR B 251 10.61 24.89 -18.48
CA THR B 251 10.36 25.35 -19.85
C THR B 251 11.25 24.54 -20.79
N ASP B 252 12.49 24.32 -20.39
CA ASP B 252 13.45 23.57 -21.19
C ASP B 252 13.34 22.06 -21.00
N LEU B 253 12.37 21.62 -20.22
CA LEU B 253 12.14 20.19 -19.99
C LEU B 253 10.97 19.70 -20.83
N ALA B 254 9.95 20.54 -20.95
CA ALA B 254 8.76 20.21 -21.74
C ALA B 254 9.24 19.88 -23.15
N LYS B 255 10.28 20.59 -23.56
CA LYS B 255 10.90 20.39 -24.86
C LYS B 255 11.27 18.92 -24.95
N ALA B 256 12.49 18.60 -24.53
CA ALA B 256 13.00 17.24 -24.54
C ALA B 256 11.89 16.19 -24.63
N LEU B 257 11.17 16.00 -23.53
CA LEU B 257 10.07 15.03 -23.42
C LEU B 257 9.25 14.78 -24.68
N ALA B 258 9.01 15.86 -25.44
CA ALA B 258 8.24 15.79 -26.68
C ALA B 258 7.87 17.21 -27.09
N PRO B 259 8.84 17.97 -27.66
CA PRO B 259 8.54 19.35 -28.07
C PRO B 259 7.35 19.35 -29.02
N ASN B 260 7.32 18.33 -29.88
CA ASN B 260 6.28 18.16 -30.89
C ASN B 260 4.93 18.79 -30.53
N THR B 261 4.24 18.17 -29.58
CA THR B 261 2.92 18.64 -29.15
C THR B 261 2.93 20.01 -28.48
N PRO B 262 1.76 20.67 -28.39
CA PRO B 262 1.61 21.99 -27.78
C PRO B 262 1.77 21.96 -26.27
N THR B 263 1.79 23.15 -25.64
CA THR B 263 1.94 23.23 -24.19
C THR B 263 0.87 24.08 -23.51
N LYS B 264 -0.32 23.50 -23.34
CA LYS B 264 -1.43 24.19 -22.69
C LYS B 264 -1.15 24.52 -21.22
N ILE B 265 -0.79 25.78 -20.94
CA ILE B 265 -0.53 26.21 -19.58
C ILE B 265 -1.73 25.82 -18.73
N ILE B 266 -1.49 25.35 -17.51
CA ILE B 266 -2.58 24.92 -16.65
C ILE B 266 -2.71 25.66 -15.32
N GLY B 267 -1.79 26.59 -15.04
CA GLY B 267 -1.88 27.33 -13.80
C GLY B 267 -0.96 26.90 -12.67
N ILE B 268 -1.53 26.56 -11.52
CA ILE B 268 -0.76 26.13 -10.35
C ILE B 268 -1.49 25.12 -9.48
N ARG B 269 -0.91 23.93 -9.32
CA ARG B 269 -1.50 22.87 -8.50
C ARG B 269 -1.63 23.34 -7.05
N PRO B 270 -2.34 22.56 -6.20
CA PRO B 270 -2.51 22.94 -4.79
C PRO B 270 -1.27 22.72 -3.92
N GLY B 271 -0.55 23.80 -3.63
CA GLY B 271 0.63 23.70 -2.79
C GLY B 271 2.00 23.83 -3.45
N GLU B 272 2.04 24.01 -4.77
CA GLU B 272 3.30 24.14 -5.48
C GLU B 272 3.95 25.51 -5.35
N LYS B 273 5.28 25.53 -5.36
CA LYS B 273 6.04 26.76 -5.28
C LYS B 273 6.58 27.01 -6.68
N LEU B 274 7.14 28.19 -6.91
CA LEU B 274 7.73 28.49 -8.21
C LEU B 274 9.05 27.74 -8.24
N HIS B 275 9.82 27.90 -7.16
CA HIS B 275 11.11 27.25 -7.03
C HIS B 275 11.16 26.59 -5.65
N GLU B 276 12.07 25.64 -5.48
CA GLU B 276 12.24 24.94 -4.22
C GLU B 276 13.54 25.38 -3.56
N VAL B 277 13.54 25.49 -2.24
CA VAL B 277 14.74 25.90 -1.52
C VAL B 277 15.37 24.66 -0.88
N MET B 278 16.69 24.65 -0.82
CA MET B 278 17.42 23.53 -0.24
C MET B 278 18.00 23.99 1.10
N ILE B 279 18.58 25.18 1.12
CA ILE B 279 19.15 25.74 2.33
C ILE B 279 18.63 27.17 2.50
N PRO B 280 17.68 27.38 3.42
CA PRO B 280 17.11 28.70 3.66
C PRO B 280 18.14 29.80 3.91
N LYS B 281 17.76 31.01 3.54
CA LYS B 281 18.61 32.19 3.70
C LYS B 281 18.91 32.37 5.18
N ASP B 282 17.89 32.16 6.00
CA ASP B 282 18.02 32.30 7.44
C ASP B 282 18.76 31.11 8.05
N GLU B 283 19.29 30.25 7.19
CA GLU B 283 20.03 29.06 7.63
C GLU B 283 21.51 29.24 7.32
N SER B 284 21.81 30.26 6.52
CA SER B 284 23.16 30.58 6.12
C SER B 284 24.19 30.25 7.20
N HIS B 285 24.11 30.97 8.31
CA HIS B 285 25.02 30.78 9.44
C HIS B 285 25.29 29.34 9.80
N LEU B 286 24.26 28.50 9.76
CA LEU B 286 24.38 27.10 10.11
C LEU B 286 24.94 26.24 8.98
N ALA B 287 25.17 26.85 7.83
CA ALA B 287 25.68 26.11 6.67
C ALA B 287 27.21 26.01 6.63
N LEU B 288 27.67 24.99 5.94
CA LEU B 288 29.10 24.71 5.77
C LEU B 288 29.26 24.10 4.39
N GLU B 289 29.93 24.80 3.50
CA GLU B 289 30.12 24.31 2.15
C GLU B 289 31.25 23.27 2.07
N PHE B 290 31.08 22.34 1.14
CA PHE B 290 32.06 21.28 0.91
C PHE B 290 32.22 21.23 -0.60
N GLU B 291 32.74 20.11 -1.10
CA GLU B 291 32.90 19.97 -2.55
C GLU B 291 31.57 19.63 -3.20
N ASP B 292 31.21 18.35 -3.11
CA ASP B 292 29.97 17.88 -3.70
C ASP B 292 28.72 18.16 -2.87
N PHE B 293 28.88 18.37 -1.57
CA PHE B 293 27.72 18.60 -0.72
C PHE B 293 27.81 19.75 0.27
N PHE B 294 26.77 19.84 1.10
CA PHE B 294 26.62 20.86 2.14
C PHE B 294 26.25 20.18 3.46
N ILE B 295 26.17 20.96 4.52
CA ILE B 295 25.78 20.47 5.84
C ILE B 295 25.09 21.62 6.57
N ILE B 296 23.90 21.37 7.11
CA ILE B 296 23.21 22.41 7.85
C ILE B 296 23.28 22.05 9.32
N GLN B 297 24.34 22.49 9.97
CA GLN B 297 24.55 22.22 11.37
C GLN B 297 23.28 22.40 12.18
N PRO B 298 23.13 21.62 13.26
CA PRO B 298 21.95 21.71 14.13
C PRO B 298 21.75 23.12 14.65
N THR B 299 20.57 23.38 15.18
CA THR B 299 20.25 24.68 15.72
C THR B 299 20.46 24.66 17.23
N ILE B 300 20.28 23.48 17.82
CA ILE B 300 20.44 23.30 19.25
C ILE B 300 21.82 22.76 19.55
N SER B 301 22.20 22.80 20.82
CA SER B 301 23.50 22.30 21.25
C SER B 301 23.32 20.94 21.91
N PHE B 302 24.19 20.01 21.57
CA PHE B 302 24.11 18.67 22.16
C PHE B 302 24.99 18.59 23.40
N GLN B 303 24.59 17.75 24.36
CA GLN B 303 25.35 17.57 25.58
C GLN B 303 26.80 17.35 25.18
N THR B 304 26.99 16.58 24.11
CA THR B 304 28.31 16.27 23.60
C THR B 304 28.53 16.97 22.25
N PRO B 305 29.23 18.11 22.27
CA PRO B 305 29.52 18.88 21.05
C PRO B 305 30.11 18.06 19.92
N LYS B 306 29.85 18.48 18.68
CA LYS B 306 30.34 17.82 17.49
C LYS B 306 30.98 18.86 16.58
N ASP B 307 32.05 18.49 15.87
CA ASP B 307 32.70 19.41 14.97
C ASP B 307 32.32 19.08 13.53
N TYR B 308 31.27 19.74 13.05
CA TYR B 308 30.77 19.51 11.71
C TYR B 308 31.61 20.10 10.59
N THR B 309 32.87 20.41 10.87
CA THR B 309 33.77 20.97 9.86
C THR B 309 34.68 19.91 9.25
N LEU B 310 34.87 18.82 10.01
CA LEU B 310 35.68 17.69 9.59
C LEU B 310 34.82 16.44 9.64
N THR B 311 34.30 16.02 8.49
CA THR B 311 33.46 14.82 8.43
C THR B 311 34.22 13.64 9.02
N LYS B 312 33.59 12.47 9.09
CA LYS B 312 34.30 11.31 9.61
C LYS B 312 35.14 10.75 8.48
N LEU B 313 35.31 11.54 7.43
CA LEU B 313 36.10 11.17 6.27
C LEU B 313 37.21 12.19 6.12
N HIS B 314 37.43 12.94 7.20
CA HIS B 314 38.46 13.98 7.26
C HIS B 314 38.38 14.98 6.11
N GLU B 315 37.15 15.33 5.74
CA GLU B 315 36.88 16.29 4.68
C GLU B 315 36.62 17.63 5.38
N LYS B 316 37.30 18.69 4.93
CA LYS B 316 37.15 20.00 5.55
C LYS B 316 36.17 20.90 4.81
N GLY B 317 35.27 21.52 5.57
CA GLY B 317 34.28 22.39 4.98
C GLY B 317 34.32 23.78 5.59
N GLN B 318 34.00 24.79 4.79
CA GLN B 318 34.00 26.17 5.25
C GLN B 318 32.60 26.78 5.20
N LYS B 319 32.39 27.83 5.99
CA LYS B 319 31.09 28.50 6.05
C LYS B 319 30.69 29.09 4.71
N VAL B 320 29.69 29.96 4.74
CA VAL B 320 29.19 30.60 3.52
C VAL B 320 28.93 32.07 3.81
N ALA B 321 28.83 32.87 2.75
CA ALA B 321 28.57 34.30 2.89
C ALA B 321 27.24 34.52 3.60
N PRO B 322 27.15 35.58 4.41
CA PRO B 322 25.93 35.91 5.17
C PRO B 322 24.63 35.91 4.37
N ASP B 323 24.68 36.38 3.13
CA ASP B 323 23.49 36.43 2.29
C ASP B 323 23.32 35.15 1.47
N PHE B 324 23.81 34.03 2.01
CA PHE B 324 23.74 32.76 1.30
C PHE B 324 22.37 32.09 1.33
N GLU B 325 22.07 31.40 0.23
CA GLU B 325 20.81 30.67 0.04
C GLU B 325 20.93 29.81 -1.21
N TYR B 326 20.40 28.58 -1.13
CA TYR B 326 20.48 27.66 -2.25
C TYR B 326 19.12 27.46 -2.89
N SER B 327 18.67 28.44 -3.66
CA SER B 327 17.38 28.36 -4.34
C SER B 327 17.53 27.43 -5.54
N SER B 328 16.42 26.96 -6.07
CA SER B 328 16.48 26.08 -7.24
C SER B 328 16.76 26.88 -8.50
N HIS B 329 16.43 28.18 -8.46
CA HIS B 329 16.64 29.05 -9.62
C HIS B 329 17.91 29.90 -9.50
N ASN B 330 18.20 30.39 -8.31
CA ASN B 330 19.39 31.21 -8.09
C ASN B 330 20.62 30.30 -8.18
N ASN B 331 20.38 29.06 -8.56
CA ASN B 331 21.45 28.09 -8.70
C ASN B 331 22.24 28.41 -9.96
N ASN B 332 23.42 27.78 -10.08
CA ASN B 332 24.27 28.01 -11.24
C ASN B 332 24.33 26.81 -12.18
N GLN B 333 24.08 25.62 -11.66
CA GLN B 333 24.10 24.43 -12.51
C GLN B 333 22.74 24.28 -13.15
N TRP B 334 22.70 23.79 -14.38
CA TRP B 334 21.43 23.60 -15.06
C TRP B 334 21.50 22.41 -16.01
N LEU B 335 20.49 21.56 -15.95
CA LEU B 335 20.43 20.37 -16.80
C LEU B 335 20.03 20.73 -18.22
N GLU B 336 20.99 20.61 -19.16
CA GLU B 336 20.73 20.92 -20.58
C GLU B 336 19.41 20.29 -21.00
N PRO B 337 18.66 20.98 -21.87
CA PRO B 337 17.36 20.46 -22.33
C PRO B 337 17.45 19.09 -22.99
N ASP B 338 18.65 18.51 -23.00
CA ASP B 338 18.87 17.17 -23.58
C ASP B 338 19.31 16.16 -22.53
N ASP B 339 20.23 16.58 -21.66
CA ASP B 339 20.77 15.72 -20.62
C ASP B 339 19.76 14.78 -19.96
N LEU B 340 18.53 15.26 -19.82
CA LEU B 340 17.48 14.45 -19.18
C LEU B 340 16.95 13.36 -20.08
N LEU B 341 17.31 13.42 -21.36
CA LEU B 341 16.93 12.41 -22.34
C LEU B 341 18.05 11.37 -22.35
N LYS B 342 19.27 11.86 -22.13
CA LYS B 342 20.47 11.02 -22.08
C LYS B 342 20.31 10.15 -20.84
N LEU B 343 19.43 10.59 -19.97
CA LEU B 343 19.11 9.92 -18.71
C LEU B 343 17.73 9.28 -18.89
N LEU B 344 16.87 9.95 -19.64
CA LEU B 344 15.51 9.51 -19.94
C LEU B 344 14.85 8.87 -18.73
PA NAP C . -6.44 -6.90 -3.07
O1A NAP C . -6.28 -6.76 -4.66
O2A NAP C . -5.07 -7.29 -2.29
O5B NAP C . -7.01 -5.57 -2.35
C5B NAP C . -6.99 -5.50 -0.94
C4B NAP C . -7.21 -4.05 -0.57
O4B NAP C . -7.25 -3.92 0.85
C3B NAP C . -6.07 -3.21 -1.07
O3B NAP C . -6.63 -2.24 -1.95
C2B NAP C . -5.51 -2.52 0.12
O2B NAP C . -5.38 -1.12 -0.15
C1B NAP C . -6.57 -2.72 1.18
N9A NAP C . -6.00 -2.75 2.55
C8A NAP C . -5.07 -3.64 2.96
N7A NAP C . -4.78 -3.40 4.25
C5A NAP C . -5.60 -2.30 4.58
C6A NAP C . -5.70 -1.61 5.84
N6A NAP C . -4.92 -2.03 6.87
N1A NAP C . -6.59 -0.56 5.92
C2A NAP C . -7.32 -0.24 4.78
N3A NAP C . -7.27 -0.86 3.57
C4A NAP C . -6.37 -1.91 3.51
O3 NAP C . -7.48 -8.04 -2.64
PN NAP C . -8.91 -8.34 -3.30
O1N NAP C . -9.59 -7.03 -3.96
O2N NAP C . -8.62 -9.55 -4.31
O5D NAP C . -9.75 -9.02 -2.10
C5D NAP C . -10.68 -8.20 -1.43
C4D NAP C . -11.33 -8.99 -0.32
O4D NAP C . -11.99 -10.11 -0.88
C3D NAP C . -10.31 -9.47 0.67
O3D NAP C . -10.74 -9.07 1.96
C2D NAP C . -10.31 -10.94 0.54
O2D NAP C . -10.27 -11.53 1.84
C1D NAP C . -11.58 -11.29 -0.18
N1N NAP C . -11.40 -12.42 -1.13
C2N NAP C . -10.36 -12.36 -2.04
C3N NAP C . -10.23 -13.45 -2.91
C7N NAP C . -9.15 -13.47 -3.93
O7N NAP C . -8.13 -14.16 -3.82
N7N NAP C . -9.39 -12.66 -5.00
C4N NAP C . -11.16 -14.55 -2.83
C5N NAP C . -12.21 -14.53 -1.86
C6N NAP C . -12.33 -13.43 -0.98
P2B NAP C . -4.03 -0.36 0.34
O1X NAP C . -3.74 1.02 -0.44
O2X NAP C . -4.23 -0.16 1.93
O3X NAP C . -2.86 -1.47 0.24
N1 UPG D . 0.07 -23.00 -6.93
C2 UPG D . 0.99 -23.49 -7.86
N3 UPG D . 2.18 -22.79 -7.97
C4 UPG D . 2.53 -21.65 -7.24
C5 UPG D . 1.49 -21.19 -6.27
C6 UPG D . 0.34 -21.89 -6.17
O2 UPG D . 0.77 -24.47 -8.54
O4 UPG D . 3.60 -21.07 -7.39
C1C UPG D . -1.24 -23.71 -6.78
C2C UPG D . -1.66 -23.94 -5.36
O2C UPG D . -1.46 -25.32 -5.04
C3C UPG D . -3.11 -23.59 -5.28
C4C UPG D . -3.42 -22.89 -6.57
O4C UPG D . -2.28 -22.96 -7.43
O3C UPG D . -3.88 -24.78 -5.22
C5C UPG D . -3.78 -21.43 -6.33
O5C UPG D . -2.62 -20.70 -6.01
PA UPG D . -2.82 -19.22 -5.35
O1A UPG D . -1.55 -18.69 -4.52
O2A UPG D . -3.25 -18.29 -6.60
O3A UPG D . -4.18 -19.36 -4.51
PB UPG D . -4.39 -19.64 -2.94
O1B UPG D . -3.25 -20.54 -2.26
O2B UPG D . -5.88 -20.26 -2.88
O3B UPG D . -4.56 -18.15 -2.31
C1' UPG D . -4.96 -17.11 -3.18
C2' UPG D . -4.23 -15.82 -2.88
C3' UPG D . -4.59 -15.27 -1.51
C4' UPG D . -6.10 -15.24 -1.33
C5' UPG D . -6.67 -16.63 -1.58
C6' UPG D . -8.16 -16.62 -1.41
O2' UPG D . -2.83 -16.08 -2.90
O3' UPG D . -4.11 -13.93 -1.43
O4' UPG D . -6.37 -14.87 0.02
O5' UPG D . -6.38 -17.03 -2.93
O6' UPG D . -8.45 -16.91 -0.05
PA NAP E . 7.61 5.96 -2.58
O1A NAP E . 7.89 5.13 -3.93
O2A NAP E . 6.08 6.44 -2.41
O5B NAP E . 8.00 5.16 -1.22
C5B NAP E . 7.25 5.43 -0.06
C4B NAP E . 7.13 4.14 0.70
O4B NAP E . 6.74 4.43 2.03
C3B NAP E . 6.05 3.31 0.10
O3B NAP E . 6.67 2.23 -0.59
C2B NAP E . 5.27 2.78 1.26
O2B NAP E . 5.39 1.35 1.31
C1B NAP E . 5.92 3.37 2.48
N9A NAP E . 4.92 3.82 3.49
C8A NAP E . 3.91 4.67 3.21
N7A NAP E . 3.19 4.86 4.32
C5A NAP E . 3.85 4.07 5.28
C6A NAP E . 3.50 3.90 6.67
N6A NAP E . 2.41 4.56 7.14
N1A NAP E . 4.29 3.08 7.42
C2A NAP E . 5.38 2.47 6.79
N3A NAP E . 5.75 2.59 5.50
C4A NAP E . 4.93 3.43 4.74
O3 NAP E . 8.46 7.30 -2.45
PN NAP E . 10.03 7.45 -2.31
O1N NAP E . 10.83 6.06 -2.09
O2N NAP E . 10.46 8.28 -3.63
O5D NAP E . 10.20 8.52 -1.13
C5D NAP E . 10.65 8.01 0.09
C4D NAP E . 11.13 9.16 0.94
O4D NAP E . 12.12 9.87 0.19
C3D NAP E . 10.00 10.09 1.25
O3D NAP E . 9.80 10.09 2.66
C2D NAP E . 10.43 11.41 0.77
O2D NAP E . 10.33 12.37 1.80
C1D NAP E . 11.87 11.26 0.34
N1N NAP E . 12.16 11.99 -0.93
C2N NAP E . 11.27 11.83 -1.99
C3N NAP E . 11.59 12.54 -3.17
C7N NAP E . 10.70 12.44 -4.39
O7N NAP E . 10.29 13.41 -5.00
N7N NAP E . 10.40 11.15 -4.76
C4N NAP E . 12.75 13.36 -3.21
C5N NAP E . 13.60 13.48 -2.08
C6N NAP E . 13.30 12.77 -0.90
P2B NAP E . 4.05 0.48 1.62
O1X NAP E . 4.18 -1.06 1.18
O2X NAP E . 3.77 0.69 3.19
O3X NAP E . 2.84 1.29 0.92
N1 UPG F . 4.34 20.05 -13.78
C2 UPG F . 3.94 20.71 -14.94
N3 UPG F . 2.83 20.21 -15.60
C4 UPG F . 2.08 19.10 -15.20
C5 UPG F . 2.57 18.43 -13.94
C6 UPG F . 3.66 18.96 -13.33
O2 UPG F . 4.53 21.68 -15.37
O4 UPG F . 1.12 18.70 -15.83
C1C UPG F . 5.53 20.56 -13.06
C2C UPG F . 5.23 21.08 -11.69
O2C UPG F . 4.94 22.47 -11.78
C3C UPG F . 6.45 20.82 -10.87
C4C UPG F . 7.22 19.79 -11.65
O4C UPG F . 6.53 19.55 -12.88
O3C UPG F . 7.23 22.00 -10.81
C5C UPG F . 7.31 18.49 -10.87
O5C UPG F . 6.02 17.93 -10.81
PA UPG F . 5.84 16.59 -9.92
O1A UPG F . 4.30 16.17 -9.64
O2A UPG F . 6.70 15.47 -10.71
O3A UPG F . 6.68 16.86 -8.58
PB UPG F . 6.30 17.73 -7.30
O1B UPG F . 4.76 18.24 -7.30
O2B UPG F . 7.39 18.93 -7.32
O3B UPG F . 6.72 16.83 -6.01
C1' UPG F . 7.41 15.61 -6.24
C2' UPG F . 6.50 14.41 -6.01
C3' UPG F . 6.09 14.31 -4.54
C4' UPG F . 7.29 14.42 -3.63
C5' UPG F . 8.04 15.71 -3.93
C6' UPG F . 9.24 15.83 -3.03
O2' UPG F . 5.33 14.58 -6.79
O3' UPG F . 5.49 13.04 -4.35
O4' UPG F . 6.83 14.46 -2.28
O5' UPG F . 8.50 15.69 -5.30
O6' UPG F . 9.87 17.09 -3.30
O1 MES G . 11.10 8.18 21.37
C2 MES G . 10.37 9.27 20.82
C3 MES G . 11.32 10.46 20.66
N4 MES G . 11.83 10.81 21.99
C5 MES G . 12.53 9.68 22.55
C6 MES G . 11.56 8.51 22.69
C7 MES G . 12.74 11.91 21.85
C8 MES G . 12.10 13.18 22.41
S MES G . 12.89 14.51 21.50
O1S MES G . 14.28 14.53 21.95
O2S MES G . 12.14 15.70 21.86
O3S MES G . 12.76 14.15 20.08
#